data_1TZ4
#
_entry.id   1TZ4
#
_cell.length_a   1.000
_cell.length_b   1.000
_cell.length_c   1.000
_cell.angle_alpha   90.00
_cell.angle_beta   90.00
_cell.angle_gamma   90.00
#
_symmetry.space_group_name_H-M   'P 1'
#
_entity_poly.entity_id   1
_entity_poly.type   'polypeptide(L)'
_entity_poly.pdbx_seq_one_letter_code
;YPSKPDNPGEDAPAEDLAQYAADLRHYINLITRQRY(NH2)
;
_entity_poly.pdbx_strand_id   A
#
loop_
_chem_comp.id
_chem_comp.type
_chem_comp.name
_chem_comp.formula
NH2 non-polymer 'AMINO GROUP' 'H2 N'
#
# COMPACT_ATOMS: atom_id res chain seq x y z
N TYR A 1 6.43 -27.68 -1.27
CA TYR A 1 7.12 -28.56 -0.31
C TYR A 1 8.62 -28.25 -0.26
N PRO A 2 9.04 -27.06 0.21
CA PRO A 2 10.45 -26.78 0.44
C PRO A 2 10.96 -27.49 1.70
N SER A 3 12.25 -27.27 2.00
CA SER A 3 12.98 -27.81 3.15
C SER A 3 13.71 -26.71 3.93
N LYS A 4 14.46 -25.86 3.20
CA LYS A 4 15.26 -24.74 3.72
C LYS A 4 15.70 -23.82 2.54
N PRO A 5 14.84 -22.91 2.06
CA PRO A 5 15.23 -21.96 1.02
C PRO A 5 16.20 -20.91 1.59
N ASP A 6 17.13 -20.43 0.76
CA ASP A 6 18.12 -19.39 1.07
C ASP A 6 18.78 -18.96 -0.24
N ASN A 7 18.74 -17.66 -0.58
CA ASN A 7 19.48 -17.09 -1.69
C ASN A 7 19.51 -15.56 -1.52
N PRO A 8 20.63 -14.88 -1.84
CA PRO A 8 20.66 -13.42 -1.98
C PRO A 8 20.16 -12.97 -3.36
N GLY A 9 19.95 -11.65 -3.49
CA GLY A 9 19.54 -10.96 -4.71
C GLY A 9 18.07 -11.20 -5.05
N GLU A 10 17.16 -10.40 -4.49
CA GLU A 10 15.72 -10.52 -4.66
C GLU A 10 15.03 -9.23 -4.15
N ASP A 11 14.43 -8.48 -5.05
CA ASP A 11 13.63 -7.28 -4.75
C ASP A 11 12.32 -7.69 -4.07
N ALA A 12 12.42 -8.10 -2.79
CA ALA A 12 11.29 -8.54 -1.99
C ALA A 12 10.31 -7.36 -1.77
N PRO A 13 9.00 -7.64 -1.55
CA PRO A 13 8.07 -6.59 -1.18
C PRO A 13 8.31 -6.12 0.28
N ALA A 14 7.57 -5.08 0.68
CA ALA A 14 7.57 -4.44 2.00
C ALA A 14 8.58 -3.28 2.13
N GLU A 15 9.01 -2.72 1.00
CA GLU A 15 10.02 -1.66 0.91
C GLU A 15 9.47 -0.25 0.58
N ASP A 16 8.16 -0.16 0.35
CA ASP A 16 7.38 1.05 0.03
C ASP A 16 5.88 0.71 -0.06
N LEU A 17 5.56 -0.42 -0.73
CA LEU A 17 4.19 -0.94 -0.87
C LEU A 17 3.56 -1.21 0.50
N ALA A 18 4.32 -1.72 1.49
CA ALA A 18 3.77 -1.87 2.84
C ALA A 18 3.17 -0.56 3.36
N GLN A 19 3.83 0.58 3.10
CA GLN A 19 3.30 1.89 3.47
C GLN A 19 2.03 2.22 2.69
N TYR A 20 2.03 2.01 1.37
CA TYR A 20 0.87 2.27 0.50
C TYR A 20 -0.33 1.40 0.86
N ALA A 21 -0.13 0.09 0.92
CA ALA A 21 -1.14 -0.89 1.31
C ALA A 21 -1.68 -0.56 2.71
N ALA A 22 -0.80 -0.10 3.62
CA ALA A 22 -1.17 0.31 4.98
C ALA A 22 -1.94 1.63 4.98
N ASP A 23 -1.51 2.66 4.24
CA ASP A 23 -2.25 3.92 4.07
C ASP A 23 -3.67 3.60 3.58
N LEU A 24 -3.79 2.73 2.57
CA LEU A 24 -5.11 2.31 2.08
C LEU A 24 -5.87 1.52 3.15
N ARG A 25 -5.25 0.54 3.80
CA ARG A 25 -5.83 -0.20 4.92
C ARG A 25 -6.25 0.70 6.10
N HIS A 26 -5.54 1.80 6.34
CA HIS A 26 -5.81 2.78 7.38
C HIS A 26 -6.99 3.68 6.98
N TYR A 27 -6.95 4.26 5.76
CA TYR A 27 -8.02 5.08 5.22
C TYR A 27 -9.33 4.30 5.15
N ILE A 28 -9.29 3.06 4.64
CA ILE A 28 -10.45 2.18 4.62
C ILE A 28 -10.95 1.92 6.05
N ASN A 29 -10.08 1.54 6.99
CA ASN A 29 -10.47 1.31 8.40
C ASN A 29 -11.11 2.55 9.06
N LEU A 30 -10.77 3.74 8.57
CA LEU A 30 -11.43 4.99 8.94
C LEU A 30 -12.82 5.04 8.30
N ILE A 31 -12.91 5.08 6.96
CA ILE A 31 -14.19 5.18 6.23
C ILE A 31 -15.17 4.06 6.63
N THR A 32 -14.70 2.83 6.85
CA THR A 32 -15.53 1.69 7.26
C THR A 32 -16.39 2.03 8.48
N ARG A 33 -15.80 2.70 9.48
CA ARG A 33 -16.50 3.10 10.70
C ARG A 33 -17.18 4.48 10.59
N GLN A 34 -17.42 4.98 9.37
CA GLN A 34 -17.96 6.31 9.07
C GLN A 34 -18.98 6.34 7.91
N ARG A 35 -18.89 5.42 6.94
CA ARG A 35 -19.77 5.29 5.78
C ARG A 35 -21.18 4.78 6.18
N TYR A 36 -21.74 3.84 5.41
CA TYR A 36 -22.94 3.08 5.75
C TYR A 36 -22.91 2.51 7.19
N NH2 A 37 -21.75 2.17 7.72
HN1 NH2 A 37 -20.90 2.20 7.18
HN2 NH2 A 37 -21.77 1.85 8.67
N TYR A 1 14.47 -2.07 -28.43
CA TYR A 1 14.20 -3.02 -27.32
C TYR A 1 12.87 -2.67 -26.63
N PRO A 2 12.16 -3.65 -26.02
CA PRO A 2 10.95 -3.37 -25.26
C PRO A 2 11.28 -2.67 -23.93
N SER A 3 10.45 -1.69 -23.55
CA SER A 3 10.57 -0.95 -22.28
C SER A 3 10.44 -1.88 -21.06
N LYS A 4 9.38 -2.71 -21.05
CA LYS A 4 8.99 -3.61 -19.96
C LYS A 4 8.87 -2.85 -18.62
N PRO A 5 7.74 -2.13 -18.39
CA PRO A 5 7.46 -1.40 -17.15
C PRO A 5 7.10 -2.36 -16.00
N ASP A 6 8.04 -3.26 -15.68
CA ASP A 6 7.97 -4.28 -14.66
C ASP A 6 9.25 -4.23 -13.82
N ASN A 7 9.18 -3.54 -12.67
CA ASN A 7 10.26 -3.48 -11.70
C ASN A 7 9.68 -3.21 -10.30
N PRO A 8 10.34 -3.67 -9.22
CA PRO A 8 9.99 -3.31 -7.86
C PRO A 8 10.37 -1.86 -7.54
N GLY A 9 9.89 -1.35 -6.37
CA GLY A 9 10.09 0.03 -5.91
C GLY A 9 11.57 0.44 -5.83
N GLU A 10 12.29 -0.10 -4.85
CA GLU A 10 13.74 0.06 -4.72
C GLU A 10 14.52 -1.26 -4.80
N ASP A 11 13.88 -2.40 -4.54
CA ASP A 11 14.44 -3.76 -4.55
C ASP A 11 13.42 -4.73 -3.93
N ALA A 12 12.82 -5.59 -4.76
CA ALA A 12 11.76 -6.52 -4.37
C ALA A 12 10.47 -5.82 -3.85
N PRO A 13 9.34 -6.55 -3.73
CA PRO A 13 8.16 -6.02 -3.06
C PRO A 13 8.37 -5.99 -1.54
N ALA A 14 7.54 -5.21 -0.84
CA ALA A 14 7.52 -5.01 0.61
C ALA A 14 8.56 -3.99 1.12
N GLU A 15 9.09 -3.15 0.19
CA GLU A 15 10.12 -2.14 0.44
C GLU A 15 9.60 -0.69 0.33
N ASP A 16 8.32 -0.54 -0.03
CA ASP A 16 7.60 0.74 -0.14
C ASP A 16 6.09 0.49 -0.17
N LEU A 17 5.65 -0.52 -0.94
CA LEU A 17 4.23 -0.89 -1.04
C LEU A 17 3.60 -1.13 0.33
N ALA A 18 4.32 -1.76 1.26
CA ALA A 18 3.87 -1.97 2.64
C ALA A 18 3.40 -0.68 3.33
N GLN A 19 3.92 0.48 2.92
CA GLN A 19 3.49 1.81 3.34
C GLN A 19 2.18 2.22 2.66
N TYR A 20 2.07 2.01 1.34
CA TYR A 20 0.86 2.28 0.57
C TYR A 20 -0.30 1.40 1.04
N ALA A 21 -0.16 0.07 0.97
CA ALA A 21 -1.17 -0.89 1.42
C ALA A 21 -1.66 -0.58 2.84
N ALA A 22 -0.77 -0.07 3.71
CA ALA A 22 -1.09 0.43 5.04
C ALA A 22 -1.88 1.72 5.01
N ASP A 23 -1.46 2.75 4.26
CA ASP A 23 -2.25 3.97 4.04
C ASP A 23 -3.67 3.64 3.61
N LEU A 24 -3.82 2.76 2.61
CA LEU A 24 -5.13 2.32 2.14
C LEU A 24 -5.87 1.56 3.24
N ARG A 25 -5.25 0.56 3.89
CA ARG A 25 -5.81 -0.18 5.04
C ARG A 25 -6.27 0.73 6.18
N HIS A 26 -5.53 1.82 6.45
CA HIS A 26 -5.84 2.79 7.49
C HIS A 26 -7.03 3.67 7.08
N TYR A 27 -6.96 4.26 5.87
CA TYR A 27 -8.06 4.98 5.24
C TYR A 27 -9.34 4.15 5.28
N ILE A 28 -9.33 2.97 4.65
CA ILE A 28 -10.50 2.07 4.59
C ILE A 28 -11.06 1.78 5.97
N ASN A 29 -10.23 1.60 6.99
CA ASN A 29 -10.67 1.42 8.38
C ASN A 29 -11.56 2.59 8.82
N LEU A 30 -10.98 3.80 8.82
CA LEU A 30 -11.63 5.06 9.21
C LEU A 30 -12.51 5.64 8.08
N ILE A 31 -13.07 4.75 7.25
CA ILE A 31 -13.97 5.03 6.12
C ILE A 31 -15.09 3.98 6.08
N THR A 32 -14.79 2.69 6.10
CA THR A 32 -15.78 1.61 5.98
C THR A 32 -16.75 1.62 7.17
N ARG A 33 -16.24 1.96 8.36
CA ARG A 33 -16.98 2.11 9.63
C ARG A 33 -17.71 3.46 9.76
N GLN A 34 -17.79 4.23 8.67
CA GLN A 34 -18.47 5.52 8.59
C GLN A 34 -19.17 5.74 7.22
N ARG A 35 -19.37 4.69 6.42
CA ARG A 35 -19.97 4.76 5.07
C ARG A 35 -21.31 4.01 5.03
N TYR A 36 -21.56 3.30 3.93
CA TYR A 36 -22.66 2.35 3.72
C TYR A 36 -22.92 1.45 4.94
N NH2 A 37 -21.92 1.07 5.72
HN1 NH2 A 37 -20.97 1.32 5.51
HN2 NH2 A 37 -22.17 0.53 6.52
N TYR A 1 21.15 0.76 -18.02
CA TYR A 1 20.84 1.26 -19.37
C TYR A 1 19.45 0.84 -19.84
N PRO A 2 19.13 -0.47 -19.94
CA PRO A 2 17.84 -0.92 -20.45
C PRO A 2 16.69 -0.73 -19.46
N SER A 3 16.95 -1.03 -18.17
CA SER A 3 15.99 -0.91 -17.05
C SER A 3 14.67 -1.63 -17.30
N LYS A 4 14.61 -2.92 -16.94
CA LYS A 4 13.47 -3.80 -17.15
C LYS A 4 13.05 -4.41 -15.81
N PRO A 5 12.23 -3.70 -15.02
CA PRO A 5 11.72 -4.17 -13.74
C PRO A 5 10.67 -5.28 -13.98
N ASP A 6 11.05 -6.54 -13.82
CA ASP A 6 10.18 -7.70 -13.99
C ASP A 6 8.93 -7.60 -13.11
N ASN A 7 9.14 -7.54 -11.79
CA ASN A 7 8.10 -7.36 -10.79
C ASN A 7 8.14 -5.93 -10.20
N PRO A 8 7.01 -5.40 -9.71
CA PRO A 8 6.97 -4.12 -9.03
C PRO A 8 7.55 -4.23 -7.61
N GLY A 9 8.56 -3.43 -7.35
CA GLY A 9 9.29 -3.38 -6.07
C GLY A 9 10.75 -2.98 -6.30
N GLU A 10 11.20 -1.90 -5.66
CA GLU A 10 12.60 -1.44 -5.75
C GLU A 10 13.62 -2.47 -5.24
N ASP A 11 13.17 -3.38 -4.37
CA ASP A 11 13.91 -4.51 -3.82
C ASP A 11 12.94 -5.30 -2.94
N ALA A 12 12.32 -6.38 -3.46
CA ALA A 12 11.33 -7.19 -2.75
C ALA A 12 10.06 -6.38 -2.31
N PRO A 13 8.96 -7.06 -1.91
CA PRO A 13 7.85 -6.38 -1.26
C PRO A 13 8.15 -6.11 0.22
N ALA A 14 7.39 -5.17 0.82
CA ALA A 14 7.48 -4.71 2.21
C ALA A 14 8.57 -3.63 2.44
N GLU A 15 8.94 -2.90 1.38
CA GLU A 15 10.01 -1.90 1.37
C GLU A 15 9.55 -0.48 1.00
N ASP A 16 8.26 -0.35 0.67
CA ASP A 16 7.56 0.89 0.30
C ASP A 16 6.06 0.60 0.16
N LEU A 17 5.72 -0.51 -0.52
CA LEU A 17 4.35 -0.94 -0.73
C LEU A 17 3.61 -1.14 0.59
N ALA A 18 4.29 -1.66 1.63
CA ALA A 18 3.71 -1.76 2.96
C ALA A 18 3.07 -0.44 3.39
N GLN A 19 3.72 0.71 3.14
CA GLN A 19 3.21 2.04 3.44
C GLN A 19 1.97 2.38 2.61
N TYR A 20 2.00 2.12 1.30
CA TYR A 20 0.88 2.31 0.40
C TYR A 20 -0.33 1.45 0.80
N ALA A 21 -0.12 0.13 0.86
CA ALA A 21 -1.10 -0.86 1.28
C ALA A 21 -1.63 -0.55 2.69
N ALA A 22 -0.79 -0.03 3.58
CA ALA A 22 -1.12 0.37 4.95
C ALA A 22 -1.96 1.65 4.97
N ASP A 23 -1.55 2.72 4.27
CA ASP A 23 -2.35 3.91 4.12
C ASP A 23 -3.73 3.57 3.58
N LEU A 24 -3.80 2.70 2.56
CA LEU A 24 -5.09 2.26 2.01
C LEU A 24 -5.87 1.40 3.02
N ARG A 25 -5.21 0.51 3.76
CA ARG A 25 -5.78 -0.26 4.87
C ARG A 25 -6.29 0.62 6.01
N HIS A 26 -5.57 1.70 6.33
CA HIS A 26 -5.90 2.65 7.37
C HIS A 26 -7.11 3.48 6.90
N TYR A 27 -7.05 4.06 5.70
CA TYR A 27 -8.16 4.78 5.08
C TYR A 27 -9.44 3.94 5.09
N ILE A 28 -9.41 2.71 4.59
CA ILE A 28 -10.58 1.83 4.58
C ILE A 28 -11.16 1.70 6.00
N ASN A 29 -10.32 1.37 6.98
CA ASN A 29 -10.71 1.24 8.39
C ASN A 29 -11.29 2.56 8.92
N LEU A 30 -10.67 3.69 8.56
CA LEU A 30 -11.05 5.04 8.96
C LEU A 30 -12.41 5.42 8.39
N ILE A 31 -12.57 5.32 7.07
CA ILE A 31 -13.83 5.55 6.37
C ILE A 31 -14.92 4.69 7.03
N THR A 32 -14.70 3.40 7.22
CA THR A 32 -15.66 2.55 7.93
C THR A 32 -15.98 3.07 9.33
N ARG A 33 -14.99 3.60 10.06
CA ARG A 33 -15.15 4.28 11.36
C ARG A 33 -15.80 5.67 11.29
N GLN A 34 -16.23 6.13 10.11
CA GLN A 34 -16.84 7.44 9.86
C GLN A 34 -17.83 7.45 8.66
N ARG A 35 -18.56 6.34 8.47
CA ARG A 35 -19.57 6.18 7.41
C ARG A 35 -20.86 5.66 8.01
N TYR A 36 -21.93 5.61 7.18
CA TYR A 36 -23.24 5.04 7.53
C TYR A 36 -23.81 5.52 8.89
N NH2 A 37 -23.43 6.69 9.37
HN1 NH2 A 37 -22.73 7.23 8.89
HN2 NH2 A 37 -23.76 6.91 10.30
N TYR A 1 3.29 0.57 -22.39
CA TYR A 1 2.54 -0.62 -22.83
C TYR A 1 2.98 -1.86 -22.06
N PRO A 2 2.13 -2.89 -21.94
CA PRO A 2 2.44 -4.19 -21.31
C PRO A 2 3.37 -5.06 -22.19
N SER A 3 4.47 -4.47 -22.68
CA SER A 3 5.48 -5.13 -23.51
C SER A 3 6.76 -4.30 -23.55
N LYS A 4 7.66 -4.53 -22.58
CA LYS A 4 8.95 -3.86 -22.48
C LYS A 4 10.06 -4.85 -22.03
N PRO A 5 11.35 -4.49 -22.25
CA PRO A 5 12.48 -5.32 -21.84
C PRO A 5 12.62 -5.38 -20.30
N ASP A 6 13.68 -6.02 -19.81
CA ASP A 6 14.05 -6.02 -18.40
C ASP A 6 13.93 -4.61 -17.79
N ASN A 7 13.17 -4.51 -16.69
CA ASN A 7 12.98 -3.27 -15.96
C ASN A 7 13.77 -3.34 -14.65
N PRO A 8 14.62 -2.33 -14.34
CA PRO A 8 15.33 -2.22 -13.06
C PRO A 8 14.37 -1.80 -11.93
N GLY A 9 13.37 -2.65 -11.67
CA GLY A 9 12.40 -2.54 -10.57
C GLY A 9 12.67 -3.62 -9.53
N GLU A 10 11.78 -4.61 -9.42
CA GLU A 10 11.78 -5.69 -8.42
C GLU A 10 11.74 -5.17 -6.96
N ASP A 11 10.53 -5.20 -6.38
CA ASP A 11 10.27 -4.69 -5.04
C ASP A 11 9.38 -5.70 -4.30
N ALA A 12 9.92 -6.43 -3.31
CA ALA A 12 9.14 -7.35 -2.50
C ALA A 12 7.98 -6.63 -1.76
N PRO A 13 6.87 -7.33 -1.41
CA PRO A 13 5.72 -6.75 -0.73
C PRO A 13 6.01 -6.47 0.78
N ALA A 14 6.96 -5.57 1.03
CA ALA A 14 7.47 -5.18 2.34
C ALA A 14 8.32 -3.90 2.31
N GLU A 15 8.14 -3.03 1.31
CA GLU A 15 8.92 -1.78 1.13
C GLU A 15 8.00 -0.55 1.10
N ASP A 16 8.18 0.36 0.13
CA ASP A 16 7.34 1.55 -0.08
C ASP A 16 5.86 1.14 -0.29
N LEU A 17 5.65 -0.04 -0.91
CA LEU A 17 4.34 -0.68 -1.03
C LEU A 17 3.75 -1.03 0.34
N ALA A 18 4.50 -1.63 1.26
CA ALA A 18 3.97 -1.97 2.59
C ALA A 18 3.34 -0.75 3.26
N GLN A 19 3.92 0.44 3.06
CA GLN A 19 3.36 1.71 3.50
C GLN A 19 2.07 2.09 2.74
N TYR A 20 2.06 1.95 1.41
CA TYR A 20 0.89 2.20 0.55
C TYR A 20 -0.30 1.32 0.95
N ALA A 21 -0.08 0.00 1.01
CA ALA A 21 -1.11 -0.95 1.45
C ALA A 21 -1.61 -0.62 2.86
N ALA A 22 -0.75 -0.08 3.74
CA ALA A 22 -1.10 0.40 5.08
C ALA A 22 -1.95 1.66 5.03
N ASP A 23 -1.55 2.68 4.26
CA ASP A 23 -2.32 3.91 4.08
C ASP A 23 -3.72 3.58 3.59
N LEU A 24 -3.82 2.69 2.60
CA LEU A 24 -5.10 2.24 2.06
C LEU A 24 -5.89 1.44 3.11
N ARG A 25 -5.22 0.57 3.88
CA ARG A 25 -5.82 -0.15 5.02
C ARG A 25 -6.32 0.78 6.11
N HIS A 26 -5.59 1.84 6.42
CA HIS A 26 -5.93 2.84 7.42
C HIS A 26 -7.12 3.66 6.97
N TYR A 27 -7.07 4.19 5.73
CA TYR A 27 -8.17 4.89 5.09
C TYR A 27 -9.43 4.04 5.16
N ILE A 28 -9.42 2.81 4.62
CA ILE A 28 -10.59 1.93 4.61
C ILE A 28 -11.17 1.76 6.01
N ASN A 29 -10.31 1.49 7.00
CA ASN A 29 -10.69 1.39 8.40
C ASN A 29 -11.43 2.64 8.85
N LEU A 30 -10.83 3.82 8.68
CA LEU A 30 -11.38 5.13 9.02
C LEU A 30 -12.69 5.43 8.30
N ILE A 31 -12.75 5.18 6.99
CA ILE A 31 -13.95 5.24 6.17
C ILE A 31 -15.03 4.38 6.83
N THR A 32 -14.80 3.07 7.02
CA THR A 32 -15.77 2.22 7.71
C THR A 32 -16.07 2.68 9.13
N ARG A 33 -15.13 3.37 9.80
CA ARG A 33 -15.32 4.00 11.12
C ARG A 33 -16.12 5.31 11.10
N GLN A 34 -16.55 5.77 9.92
CA GLN A 34 -17.25 7.03 9.69
C GLN A 34 -18.23 6.98 8.49
N ARG A 35 -18.67 5.78 8.07
CA ARG A 35 -19.61 5.56 6.95
C ARG A 35 -20.99 5.05 7.39
N TYR A 36 -21.16 4.81 8.69
CA TYR A 36 -22.36 4.28 9.32
C TYR A 36 -22.84 5.21 10.46
N NH2 A 37 -22.33 6.42 10.56
HN1 NH2 A 37 -21.68 6.78 9.88
HN2 NH2 A 37 -22.68 6.96 11.33
N TYR A 1 9.44 2.71 -21.24
CA TYR A 1 10.31 3.86 -20.92
C TYR A 1 10.22 4.28 -19.45
N PRO A 2 9.04 4.68 -18.92
CA PRO A 2 8.93 5.15 -17.55
C PRO A 2 9.06 4.00 -16.54
N SER A 3 8.22 2.96 -16.70
CA SER A 3 8.22 1.71 -15.95
C SER A 3 7.29 0.70 -16.64
N LYS A 4 7.37 -0.57 -16.22
CA LYS A 4 6.45 -1.64 -16.63
C LYS A 4 6.18 -2.57 -15.42
N PRO A 5 5.46 -2.09 -14.39
CA PRO A 5 5.08 -2.92 -13.25
C PRO A 5 4.01 -3.94 -13.66
N ASP A 6 4.09 -5.14 -13.09
CA ASP A 6 3.17 -6.27 -13.33
C ASP A 6 2.45 -6.69 -12.04
N ASN A 7 3.24 -6.99 -11.00
CA ASN A 7 2.76 -7.34 -9.67
C ASN A 7 3.16 -6.25 -8.65
N PRO A 8 2.39 -6.09 -7.56
CA PRO A 8 2.75 -5.18 -6.48
C PRO A 8 3.88 -5.77 -5.62
N GLY A 9 4.60 -4.88 -4.91
CA GLY A 9 5.65 -5.23 -3.96
C GLY A 9 6.75 -4.18 -3.97
N GLU A 10 7.47 -4.14 -5.11
CA GLU A 10 8.56 -3.22 -5.43
C GLU A 10 9.74 -3.34 -4.45
N ASP A 11 10.83 -3.99 -4.90
CA ASP A 11 12.01 -4.32 -4.08
C ASP A 11 11.62 -5.16 -2.85
N ALA A 12 11.65 -6.49 -2.97
CA ALA A 12 11.15 -7.45 -1.97
C ALA A 12 9.63 -7.32 -1.66
N PRO A 13 9.00 -8.38 -1.11
CA PRO A 13 7.59 -8.35 -0.75
C PRO A 13 7.35 -7.57 0.54
N ALA A 14 6.69 -6.42 0.41
CA ALA A 14 6.30 -5.51 1.51
C ALA A 14 7.47 -4.70 2.07
N GLU A 15 8.28 -4.08 1.18
CA GLU A 15 9.47 -3.30 1.56
C GLU A 15 9.43 -1.81 1.17
N ASP A 16 8.41 -1.45 0.38
CA ASP A 16 8.10 -0.09 -0.11
C ASP A 16 6.59 0.11 -0.09
N LEU A 17 5.85 -0.68 -0.89
CA LEU A 17 4.39 -0.67 -0.93
C LEU A 17 3.75 -0.97 0.43
N ALA A 18 4.50 -1.57 1.38
CA ALA A 18 4.06 -1.83 2.75
C ALA A 18 3.41 -0.58 3.38
N GLN A 19 3.90 0.61 3.02
CA GLN A 19 3.33 1.89 3.44
C GLN A 19 2.03 2.26 2.69
N TYR A 20 1.98 2.02 1.38
CA TYR A 20 0.81 2.22 0.52
C TYR A 20 -0.36 1.32 0.95
N ALA A 21 -0.13 0.00 1.01
CA ALA A 21 -1.16 -0.96 1.42
C ALA A 21 -1.69 -0.59 2.82
N ALA A 22 -0.81 -0.11 3.69
CA ALA A 22 -1.14 0.39 5.03
C ALA A 22 -1.97 1.67 4.96
N ASP A 23 -1.54 2.69 4.21
CA ASP A 23 -2.31 3.93 4.00
C ASP A 23 -3.72 3.59 3.54
N LEU A 24 -3.85 2.67 2.57
CA LEU A 24 -5.15 2.25 2.07
C LEU A 24 -5.94 1.48 3.14
N ARG A 25 -5.31 0.50 3.82
CA ARG A 25 -5.88 -0.25 4.95
C ARG A 25 -6.35 0.64 6.11
N HIS A 26 -5.63 1.74 6.37
CA HIS A 26 -5.91 2.72 7.39
C HIS A 26 -7.08 3.60 6.98
N TYR A 27 -7.02 4.20 5.77
CA TYR A 27 -8.13 4.92 5.16
C TYR A 27 -9.40 4.08 5.23
N ILE A 28 -9.44 2.90 4.60
CA ILE A 28 -10.63 2.02 4.53
C ILE A 28 -11.23 1.78 5.92
N ASN A 29 -10.38 1.52 6.92
CA ASN A 29 -10.77 1.36 8.32
C ASN A 29 -11.48 2.60 8.86
N LEU A 30 -10.78 3.75 8.83
CA LEU A 30 -11.27 5.08 9.22
C LEU A 30 -12.21 5.71 8.17
N ILE A 31 -12.84 4.87 7.34
CA ILE A 31 -13.80 5.23 6.30
C ILE A 31 -15.08 4.41 6.53
N THR A 32 -15.00 3.08 6.69
CA THR A 32 -16.18 2.23 6.93
C THR A 32 -17.01 2.66 8.16
N ARG A 33 -16.36 3.24 9.17
CA ARG A 33 -17.00 3.81 10.37
C ARG A 33 -17.55 5.24 10.18
N GLN A 34 -17.45 5.78 8.95
CA GLN A 34 -17.88 7.13 8.57
C GLN A 34 -18.24 7.27 7.07
N ARG A 35 -18.73 6.18 6.44
CA ARG A 35 -19.10 6.12 5.01
C ARG A 35 -20.61 6.25 4.75
N TYR A 36 -21.38 6.34 5.82
CA TYR A 36 -22.84 6.36 5.88
C TYR A 36 -23.35 7.63 6.62
N NH2 A 37 -22.55 8.68 6.70
HN1 NH2 A 37 -21.65 8.68 6.22
HN2 NH2 A 37 -22.83 9.43 7.31
N TYR A 1 -22.57 -3.46 -21.62
CA TYR A 1 -22.32 -3.03 -20.22
C TYR A 1 -21.32 -3.98 -19.56
N PRO A 2 -21.63 -5.27 -19.35
CA PRO A 2 -20.75 -6.16 -18.62
C PRO A 2 -19.49 -6.43 -19.46
N SER A 3 -18.37 -6.62 -18.78
CA SER A 3 -17.08 -6.96 -19.39
C SER A 3 -16.31 -7.91 -18.47
N LYS A 4 -16.10 -7.49 -17.20
CA LYS A 4 -15.27 -8.15 -16.19
C LYS A 4 -13.85 -8.45 -16.73
N PRO A 5 -13.02 -7.41 -16.91
CA PRO A 5 -11.66 -7.58 -17.41
C PRO A 5 -10.80 -8.33 -16.37
N ASP A 6 -9.66 -8.84 -16.85
CA ASP A 6 -8.63 -9.49 -16.05
C ASP A 6 -7.32 -8.71 -16.17
N ASN A 7 -6.40 -8.99 -15.25
CA ASN A 7 -5.03 -8.46 -15.20
C ASN A 7 -4.32 -9.11 -14.00
N PRO A 8 -3.07 -9.60 -14.17
CA PRO A 8 -2.23 -10.03 -13.04
C PRO A 8 -1.73 -8.83 -12.22
N GLY A 9 -0.90 -9.11 -11.22
CA GLY A 9 -0.26 -8.10 -10.37
C GLY A 9 0.72 -7.21 -11.15
N GLU A 10 2.02 -7.54 -11.10
CA GLU A 10 3.16 -6.89 -11.79
C GLU A 10 4.50 -7.21 -11.11
N ASP A 11 4.52 -7.31 -9.78
CA ASP A 11 5.70 -7.59 -8.95
C ASP A 11 5.23 -7.76 -7.50
N ALA A 12 4.56 -6.72 -6.98
CA ALA A 12 4.17 -6.51 -5.59
C ALA A 12 5.39 -6.34 -4.64
N PRO A 13 6.17 -5.25 -4.77
CA PRO A 13 7.41 -5.07 -4.02
C PRO A 13 7.13 -4.69 -2.56
N ALA A 14 7.18 -5.68 -1.68
CA ALA A 14 6.96 -5.55 -0.23
C ALA A 14 8.14 -4.84 0.48
N GLU A 15 8.68 -3.79 -0.13
CA GLU A 15 9.83 -3.01 0.35
C GLU A 15 9.53 -1.50 0.45
N ASP A 16 8.35 -1.10 -0.02
CA ASP A 16 7.81 0.27 -0.05
C ASP A 16 6.27 0.25 -0.09
N LEU A 17 5.68 -0.60 -0.96
CA LEU A 17 4.22 -0.77 -1.03
C LEU A 17 3.61 -1.10 0.33
N ALA A 18 4.37 -1.73 1.24
CA ALA A 18 3.89 -2.04 2.58
C ALA A 18 3.29 -0.80 3.25
N GLN A 19 3.90 0.38 3.05
CA GLN A 19 3.38 1.66 3.52
C GLN A 19 2.09 2.06 2.78
N TYR A 20 2.09 1.99 1.44
CA TYR A 20 0.93 2.29 0.59
C TYR A 20 -0.29 1.45 0.96
N ALA A 21 -0.10 0.12 1.00
CA ALA A 21 -1.12 -0.84 1.41
C ALA A 21 -1.62 -0.53 2.84
N ALA A 22 -0.76 0.00 3.72
CA ALA A 22 -1.10 0.44 5.07
C ALA A 22 -1.93 1.72 5.05
N ASP A 23 -1.53 2.74 4.30
CA ASP A 23 -2.28 3.99 4.13
C ASP A 23 -3.70 3.67 3.64
N LEU A 24 -3.80 2.81 2.61
CA LEU A 24 -5.09 2.38 2.08
C LEU A 24 -5.89 1.56 3.10
N ARG A 25 -5.23 0.67 3.86
CA ARG A 25 -5.82 -0.07 4.98
C ARG A 25 -6.33 0.86 6.07
N HIS A 26 -5.56 1.89 6.44
CA HIS A 26 -5.90 2.87 7.45
C HIS A 26 -7.10 3.68 7.00
N TYR A 27 -7.05 4.25 5.78
CA TYR A 27 -8.17 4.93 5.14
C TYR A 27 -9.42 4.08 5.18
N ILE A 28 -9.38 2.86 4.63
CA ILE A 28 -10.55 1.97 4.65
C ILE A 28 -11.07 1.80 6.07
N ASN A 29 -10.22 1.49 7.06
CA ASN A 29 -10.62 1.36 8.45
C ASN A 29 -11.27 2.65 8.99
N LEU A 30 -10.78 3.82 8.57
CA LEU A 30 -11.36 5.12 8.90
C LEU A 30 -12.68 5.41 8.17
N ILE A 31 -12.88 4.87 6.97
CA ILE A 31 -14.10 5.01 6.17
C ILE A 31 -15.17 4.02 6.63
N THR A 32 -14.80 2.76 6.91
CA THR A 32 -15.71 1.69 7.36
C THR A 32 -16.59 2.18 8.52
N ARG A 33 -15.98 2.75 9.57
CA ARG A 33 -16.66 3.36 10.72
C ARG A 33 -17.06 4.83 10.47
N GLN A 34 -17.27 5.22 9.21
CA GLN A 34 -17.63 6.58 8.79
C GLN A 34 -18.31 6.59 7.41
N ARG A 35 -19.05 5.52 7.08
CA ARG A 35 -19.78 5.40 5.82
C ARG A 35 -21.10 4.70 6.08
N TYR A 36 -22.05 4.80 5.14
CA TYR A 36 -23.37 4.16 5.16
C TYR A 36 -24.14 4.34 6.49
N NH2 A 37 -23.80 5.33 7.30
HN1 NH2 A 37 -23.02 5.91 7.04
HN2 NH2 A 37 -23.98 5.14 8.27
N TYR A 1 -15.76 -29.45 -1.41
CA TYR A 1 -16.72 -28.32 -1.47
C TYR A 1 -16.09 -27.07 -2.06
N PRO A 2 -15.03 -26.49 -1.44
CA PRO A 2 -14.37 -25.32 -1.99
C PRO A 2 -13.56 -25.69 -3.24
N SER A 3 -13.05 -24.67 -3.92
CA SER A 3 -12.18 -24.79 -5.08
C SER A 3 -11.41 -23.48 -5.28
N LYS A 4 -10.58 -23.41 -6.32
CA LYS A 4 -9.73 -22.27 -6.67
C LYS A 4 -8.73 -21.97 -5.55
N PRO A 5 -7.68 -22.81 -5.42
CA PRO A 5 -6.61 -22.57 -4.46
C PRO A 5 -5.74 -21.38 -4.88
N ASP A 6 -4.81 -21.04 -4.00
CA ASP A 6 -3.90 -19.90 -4.09
C ASP A 6 -2.48 -20.36 -3.76
N ASN A 7 -2.26 -20.87 -2.54
CA ASN A 7 -0.99 -21.32 -1.99
C ASN A 7 0.10 -20.24 -2.15
N PRO A 8 0.16 -19.26 -1.24
CA PRO A 8 1.14 -18.19 -1.32
C PRO A 8 2.57 -18.72 -1.12
N GLY A 9 3.55 -17.85 -1.35
CA GLY A 9 4.96 -18.14 -1.12
C GLY A 9 5.37 -17.68 0.28
N GLU A 10 6.47 -16.93 0.34
CA GLU A 10 7.08 -16.39 1.55
C GLU A 10 8.14 -15.35 1.16
N ASP A 11 7.81 -14.06 1.36
CA ASP A 11 8.63 -12.87 1.05
C ASP A 11 7.72 -11.62 1.14
N ALA A 12 7.68 -11.00 2.33
CA ALA A 12 6.98 -9.73 2.51
C ALA A 12 7.76 -8.56 1.88
N PRO A 13 7.08 -7.44 1.55
CA PRO A 13 7.73 -6.24 1.05
C PRO A 13 8.46 -5.45 2.15
N ALA A 14 9.26 -4.48 1.73
CA ALA A 14 10.07 -3.63 2.60
C ALA A 14 10.40 -2.25 1.95
N GLU A 15 9.51 -1.75 1.08
CA GLU A 15 9.68 -0.49 0.36
C GLU A 15 8.47 0.44 0.67
N ASP A 16 8.12 1.31 -0.27
CA ASP A 16 7.00 2.24 -0.15
C ASP A 16 5.67 1.50 -0.29
N LEU A 17 5.54 0.60 -1.28
CA LEU A 17 4.34 -0.21 -1.55
C LEU A 17 3.81 -0.94 -0.29
N ALA A 18 4.71 -1.18 0.67
CA ALA A 18 4.43 -1.78 1.97
C ALA A 18 3.55 -0.83 2.80
N GLN A 19 3.98 0.43 2.94
CA GLN A 19 3.22 1.46 3.64
C GLN A 19 1.98 1.91 2.86
N TYR A 20 2.00 1.82 1.53
CA TYR A 20 0.83 2.03 0.66
C TYR A 20 -0.32 1.14 1.12
N ALA A 21 -0.06 -0.17 1.27
CA ALA A 21 -1.05 -1.11 1.75
C ALA A 21 -1.55 -0.76 3.17
N ALA A 22 -0.72 -0.10 3.99
CA ALA A 22 -1.05 0.36 5.35
C ALA A 22 -1.95 1.60 5.32
N ASP A 23 -1.59 2.62 4.53
CA ASP A 23 -2.40 3.84 4.36
C ASP A 23 -3.78 3.47 3.83
N LEU A 24 -3.83 2.61 2.79
CA LEU A 24 -5.09 2.07 2.27
C LEU A 24 -5.85 1.26 3.32
N ARG A 25 -5.14 0.45 4.14
CA ARG A 25 -5.72 -0.28 5.29
C ARG A 25 -6.30 0.64 6.35
N HIS A 26 -5.69 1.80 6.57
CA HIS A 26 -6.17 2.78 7.53
C HIS A 26 -7.34 3.56 6.96
N TYR A 27 -7.18 4.15 5.76
CA TYR A 27 -8.25 4.78 5.00
C TYR A 27 -9.49 3.90 4.95
N ILE A 28 -9.35 2.58 4.71
CA ILE A 28 -10.51 1.68 4.74
C ILE A 28 -11.21 1.75 6.10
N ASN A 29 -10.50 1.47 7.20
CA ASN A 29 -11.03 1.43 8.56
C ASN A 29 -11.53 2.80 9.06
N LEU A 30 -10.95 3.89 8.53
CA LEU A 30 -11.37 5.26 8.79
C LEU A 30 -12.62 5.62 8.01
N ILE A 31 -12.58 5.48 6.67
CA ILE A 31 -13.69 5.72 5.76
C ILE A 31 -14.90 4.87 6.17
N THR A 32 -14.72 3.57 6.50
CA THR A 32 -15.81 2.71 6.98
C THR A 32 -16.60 3.40 8.08
N ARG A 33 -15.95 3.98 9.09
CA ARG A 33 -16.61 4.70 10.17
C ARG A 33 -16.84 6.20 9.86
N GLN A 34 -16.90 6.58 8.57
CA GLN A 34 -17.02 7.96 8.10
C GLN A 34 -17.48 8.08 6.64
N ARG A 35 -18.39 7.19 6.21
CA ARG A 35 -18.98 7.15 4.86
C ARG A 35 -20.45 6.79 4.95
N TYR A 36 -21.10 6.56 3.80
CA TYR A 36 -22.48 6.08 3.64
C TYR A 36 -23.56 6.86 4.48
N NH2 A 37 -23.25 8.06 4.94
HN1 NH2 A 37 -22.30 8.37 4.86
HN2 NH2 A 37 -23.87 8.44 5.63
N TYR A 1 21.55 7.64 -21.28
CA TYR A 1 20.85 6.91 -22.37
C TYR A 1 21.89 6.28 -23.31
N PRO A 2 22.41 5.09 -22.97
CA PRO A 2 23.33 4.35 -23.82
C PRO A 2 22.58 3.65 -24.97
N SER A 3 21.65 2.74 -24.64
CA SER A 3 20.83 2.03 -25.63
C SER A 3 19.60 1.40 -24.99
N LYS A 4 19.81 0.57 -23.96
CA LYS A 4 18.74 -0.07 -23.18
C LYS A 4 17.89 0.98 -22.43
N PRO A 5 16.63 0.66 -22.09
CA PRO A 5 15.77 1.54 -21.31
C PRO A 5 16.17 1.53 -19.83
N ASP A 6 17.20 2.31 -19.50
CA ASP A 6 17.66 2.56 -18.14
C ASP A 6 17.40 4.01 -17.74
N ASN A 7 16.91 4.21 -16.51
CA ASN A 7 16.67 5.53 -15.92
C ASN A 7 17.02 5.49 -14.42
N PRO A 8 17.34 6.64 -13.79
CA PRO A 8 17.51 6.72 -12.36
C PRO A 8 16.15 6.64 -11.63
N GLY A 9 16.16 6.01 -10.46
CA GLY A 9 14.98 5.83 -9.61
C GLY A 9 15.39 5.29 -8.25
N GLU A 10 15.76 4.01 -8.19
CA GLU A 10 16.10 3.27 -6.97
C GLU A 10 14.95 3.25 -5.94
N ASP A 11 14.18 2.16 -5.97
CA ASP A 11 13.06 1.93 -5.07
C ASP A 11 13.26 0.58 -4.38
N ALA A 12 13.26 -0.52 -5.16
CA ALA A 12 13.26 -1.91 -4.71
C ALA A 12 11.93 -2.30 -4.02
N PRO A 13 11.56 -3.60 -4.01
CA PRO A 13 10.38 -4.04 -3.28
C PRO A 13 10.65 -4.02 -1.78
N ALA A 14 9.62 -3.65 -0.99
CA ALA A 14 9.63 -3.56 0.48
C ALA A 14 10.23 -2.25 1.02
N GLU A 15 10.37 -1.22 0.16
CA GLU A 15 11.04 0.05 0.48
C GLU A 15 10.10 1.27 0.47
N ASP A 16 8.83 1.05 0.13
CA ASP A 16 7.75 2.05 0.04
C ASP A 16 6.38 1.35 -0.07
N LEU A 17 6.28 0.26 -0.86
CA LEU A 17 5.05 -0.52 -1.03
C LEU A 17 4.48 -0.99 0.32
N ALA A 18 5.36 -1.34 1.27
CA ALA A 18 5.07 -1.70 2.66
C ALA A 18 4.47 -0.54 3.50
N GLN A 19 3.70 0.32 2.85
CA GLN A 19 3.01 1.47 3.40
C GLN A 19 1.79 1.84 2.56
N TYR A 20 1.84 1.70 1.24
CA TYR A 20 0.71 1.98 0.35
C TYR A 20 -0.53 1.17 0.74
N ALA A 21 -0.35 -0.16 0.81
CA ALA A 21 -1.41 -1.07 1.24
C ALA A 21 -1.88 -0.78 2.68
N ALA A 22 -1.00 -0.26 3.54
CA ALA A 22 -1.28 0.12 4.92
C ALA A 22 -2.09 1.42 5.01
N ASP A 23 -1.67 2.49 4.31
CA ASP A 23 -2.40 3.75 4.21
C ASP A 23 -3.82 3.49 3.73
N LEU A 24 -3.96 2.68 2.65
CA LEU A 24 -5.26 2.31 2.12
C LEU A 24 -6.05 1.46 3.14
N ARG A 25 -5.40 0.55 3.87
CA ARG A 25 -6.00 -0.21 4.98
C ARG A 25 -6.45 0.68 6.14
N HIS A 26 -5.70 1.74 6.45
CA HIS A 26 -6.00 2.70 7.50
C HIS A 26 -7.18 3.59 7.09
N TYR A 27 -7.11 4.20 5.89
CA TYR A 27 -8.17 4.98 5.29
C TYR A 27 -9.48 4.19 5.26
N ILE A 28 -9.46 2.96 4.72
CA ILE A 28 -10.67 2.11 4.71
C ILE A 28 -11.21 1.91 6.12
N ASN A 29 -10.35 1.63 7.10
CA ASN A 29 -10.76 1.48 8.51
C ASN A 29 -11.34 2.77 9.10
N LEU A 30 -10.90 3.93 8.62
CA LEU A 30 -11.44 5.24 9.00
C LEU A 30 -12.78 5.51 8.33
N ILE A 31 -12.86 5.32 7.00
CA ILE A 31 -14.06 5.52 6.20
C ILE A 31 -15.12 4.51 6.62
N THR A 32 -14.80 3.22 6.73
CA THR A 32 -15.76 2.21 7.21
C THR A 32 -16.34 2.60 8.58
N ARG A 33 -15.54 3.21 9.45
CA ARG A 33 -16.01 3.70 10.75
C ARG A 33 -16.76 5.04 10.69
N GLN A 34 -17.01 5.56 9.49
CA GLN A 34 -17.68 6.82 9.18
C GLN A 34 -18.18 6.88 7.73
N ARG A 35 -18.98 5.89 7.31
CA ARG A 35 -19.64 5.86 6.00
C ARG A 35 -20.97 5.14 6.13
N TYR A 36 -21.73 5.09 5.04
CA TYR A 36 -23.02 4.39 4.92
C TYR A 36 -23.99 4.69 6.09
N NH2 A 37 -23.88 5.82 6.75
HN1 NH2 A 37 -23.14 6.46 6.53
HN2 NH2 A 37 -24.36 5.81 7.62
N TYR A 1 6.26 12.58 -17.16
CA TYR A 1 5.43 11.52 -16.53
C TYR A 1 5.50 10.24 -17.37
N PRO A 2 6.46 9.34 -17.10
CA PRO A 2 6.55 8.08 -17.81
C PRO A 2 5.46 7.10 -17.34
N SER A 3 5.23 6.04 -18.12
CA SER A 3 4.25 4.99 -17.83
C SER A 3 4.47 3.80 -18.77
N LYS A 4 5.22 2.79 -18.30
CA LYS A 4 5.62 1.57 -19.03
C LYS A 4 6.57 0.71 -18.21
N PRO A 5 7.76 1.20 -17.81
CA PRO A 5 8.67 0.45 -16.95
C PRO A 5 8.14 0.41 -15.52
N ASP A 6 8.50 -0.65 -14.81
CA ASP A 6 8.18 -0.91 -13.39
C ASP A 6 9.17 -1.95 -12.84
N ASN A 7 9.28 -2.04 -11.51
CA ASN A 7 10.07 -3.07 -10.84
C ASN A 7 9.61 -4.50 -11.22
N PRO A 8 10.51 -5.52 -11.12
CA PRO A 8 10.14 -6.90 -11.39
C PRO A 8 9.27 -7.45 -10.26
N GLY A 9 7.96 -7.55 -10.51
CA GLY A 9 6.97 -8.11 -9.59
C GLY A 9 5.56 -7.61 -9.88
N GLU A 10 5.25 -6.39 -9.44
CA GLU A 10 3.96 -5.72 -9.72
C GLU A 10 3.97 -4.22 -9.31
N ASP A 11 4.59 -3.90 -8.17
CA ASP A 11 4.81 -2.53 -7.64
C ASP A 11 5.69 -2.67 -6.38
N ALA A 12 7.02 -2.46 -6.49
CA ALA A 12 7.95 -2.46 -5.34
C ALA A 12 7.76 -3.66 -4.36
N PRO A 13 8.01 -4.91 -4.82
CA PRO A 13 7.71 -6.11 -4.04
C PRO A 13 8.60 -6.19 -2.80
N ALA A 14 7.98 -6.02 -1.62
CA ALA A 14 8.65 -5.97 -0.32
C ALA A 14 9.53 -4.71 -0.14
N GLU A 15 9.13 -3.57 -0.72
CA GLU A 15 9.85 -2.30 -0.66
C GLU A 15 8.95 -1.19 -0.06
N ASP A 16 8.97 0.04 -0.60
CA ASP A 16 8.19 1.19 -0.11
C ASP A 16 6.66 0.93 -0.16
N LEU A 17 6.24 -0.09 -0.93
CA LEU A 17 4.89 -0.64 -0.98
C LEU A 17 4.39 -1.09 0.41
N ALA A 18 5.28 -1.45 1.36
CA ALA A 18 5.00 -1.73 2.77
C ALA A 18 4.45 -0.51 3.57
N GLN A 19 3.74 0.39 2.89
CA GLN A 19 3.07 1.55 3.42
C GLN A 19 1.83 1.88 2.59
N TYR A 20 1.86 1.77 1.26
CA TYR A 20 0.75 2.07 0.36
C TYR A 20 -0.48 1.25 0.74
N ALA A 21 -0.32 -0.08 0.79
CA ALA A 21 -1.39 -0.99 1.17
C ALA A 21 -1.89 -0.70 2.60
N ALA A 22 -1.01 -0.21 3.49
CA ALA A 22 -1.29 0.15 4.88
C ALA A 22 -2.09 1.46 4.99
N ASP A 23 -1.68 2.51 4.27
CA ASP A 23 -2.38 3.79 4.17
C ASP A 23 -3.80 3.55 3.68
N LEU A 24 -3.95 2.75 2.62
CA LEU A 24 -5.26 2.39 2.07
C LEU A 24 -6.07 1.56 3.07
N ARG A 25 -5.43 0.62 3.80
CA ARG A 25 -6.02 -0.15 4.90
C ARG A 25 -6.48 0.73 6.07
N HIS A 26 -5.69 1.74 6.44
CA HIS A 26 -5.98 2.68 7.51
C HIS A 26 -7.13 3.60 7.11
N TYR A 27 -7.06 4.18 5.91
CA TYR A 27 -8.15 4.94 5.29
C TYR A 27 -9.44 4.13 5.31
N ILE A 28 -9.47 2.91 4.76
CA ILE A 28 -10.67 2.08 4.76
C ILE A 28 -11.20 1.87 6.18
N ASN A 29 -10.33 1.60 7.15
CA ASN A 29 -10.71 1.46 8.57
C ASN A 29 -11.34 2.73 9.17
N LEU A 30 -10.91 3.90 8.69
CA LEU A 30 -11.49 5.20 9.04
C LEU A 30 -12.82 5.40 8.31
N ILE A 31 -12.83 5.27 6.98
CA ILE A 31 -13.99 5.44 6.13
C ILE A 31 -15.11 4.48 6.55
N THR A 32 -14.84 3.19 6.74
CA THR A 32 -15.81 2.20 7.24
C THR A 32 -16.47 2.63 8.55
N ARG A 33 -15.74 3.39 9.38
CA ARG A 33 -16.24 3.94 10.65
C ARG A 33 -17.06 5.23 10.49
N GLN A 34 -17.24 5.71 9.25
CA GLN A 34 -17.92 6.95 8.88
C GLN A 34 -18.39 6.96 7.40
N ARG A 35 -19.01 5.87 6.92
CA ARG A 35 -19.55 5.76 5.55
C ARG A 35 -20.81 4.90 5.57
N TYR A 36 -21.41 4.68 4.40
CA TYR A 36 -22.57 3.82 4.14
C TYR A 36 -23.78 4.03 5.08
N NH2 A 37 -23.85 5.13 5.81
HN1 NH2 A 37 -23.10 5.78 5.81
HN2 NH2 A 37 -24.51 5.06 6.57
N TYR A 1 11.86 -21.95 -0.50
CA TYR A 1 11.70 -21.00 -1.62
C TYR A 1 10.24 -20.97 -2.12
N PRO A 2 9.28 -20.48 -1.32
CA PRO A 2 7.89 -20.39 -1.76
C PRO A 2 7.69 -19.24 -2.75
N SER A 3 7.96 -18.00 -2.31
CA SER A 3 7.77 -16.77 -3.09
C SER A 3 8.29 -15.56 -2.31
N LYS A 4 9.58 -15.57 -1.96
CA LYS A 4 10.26 -14.50 -1.21
C LYS A 4 11.75 -14.44 -1.62
N PRO A 5 12.09 -13.74 -2.70
CA PRO A 5 13.49 -13.59 -3.10
C PRO A 5 14.24 -12.75 -2.05
N ASP A 6 15.57 -12.94 -1.98
CA ASP A 6 16.42 -12.13 -1.12
C ASP A 6 16.33 -10.64 -1.47
N ASN A 7 16.90 -9.80 -0.60
CA ASN A 7 16.97 -8.36 -0.79
C ASN A 7 18.43 -7.93 -0.97
N PRO A 8 18.91 -7.74 -2.22
CA PRO A 8 20.25 -7.22 -2.50
C PRO A 8 20.35 -5.70 -2.19
N GLY A 9 20.00 -5.30 -0.97
CA GLY A 9 20.01 -3.91 -0.49
C GLY A 9 18.60 -3.39 -0.24
N GLU A 10 17.90 -3.02 -1.33
CA GLU A 10 16.51 -2.53 -1.28
C GLU A 10 15.61 -3.07 -2.41
N ASP A 11 16.14 -4.01 -3.23
CA ASP A 11 15.43 -4.68 -4.32
C ASP A 11 14.63 -5.88 -3.78
N ALA A 12 13.58 -5.63 -3.00
CA ALA A 12 12.67 -6.66 -2.53
C ALA A 12 11.28 -6.09 -2.20
N PRO A 13 10.22 -6.94 -2.17
CA PRO A 13 8.91 -6.50 -1.70
C PRO A 13 8.92 -6.30 -0.18
N ALA A 14 7.93 -5.54 0.33
CA ALA A 14 7.72 -5.23 1.75
C ALA A 14 8.68 -4.14 2.28
N GLU A 15 9.13 -3.23 1.40
CA GLU A 15 10.10 -2.15 1.71
C GLU A 15 9.53 -0.74 1.49
N ASP A 16 8.32 -0.66 0.94
CA ASP A 16 7.59 0.56 0.60
C ASP A 16 6.11 0.26 0.36
N LEU A 17 5.83 -0.84 -0.37
CA LEU A 17 4.46 -1.28 -0.67
C LEU A 17 3.64 -1.39 0.62
N ALA A 18 4.20 -1.95 1.69
CA ALA A 18 3.55 -2.03 2.99
C ALA A 18 2.98 -0.68 3.44
N GLN A 19 3.75 0.41 3.30
CA GLN A 19 3.29 1.76 3.58
C GLN A 19 2.10 2.16 2.70
N TYR A 20 2.13 1.79 1.43
CA TYR A 20 1.06 1.98 0.44
C TYR A 20 -0.21 1.20 0.84
N ALA A 21 -0.07 -0.10 1.11
CA ALA A 21 -1.15 -0.96 1.57
C ALA A 21 -1.71 -0.49 2.91
N ALA A 22 -0.87 0.08 3.79
CA ALA A 22 -1.22 0.66 5.09
C ALA A 22 -1.96 1.98 4.92
N ASP A 23 -1.47 2.92 4.12
CA ASP A 23 -2.18 4.17 3.82
C ASP A 23 -3.57 3.84 3.29
N LEU A 24 -3.63 2.94 2.29
CA LEU A 24 -4.92 2.50 1.73
C LEU A 24 -5.79 1.78 2.76
N ARG A 25 -5.20 0.93 3.63
CA ARG A 25 -5.91 0.33 4.75
C ARG A 25 -6.44 1.37 5.72
N HIS A 26 -5.63 2.33 6.15
CA HIS A 26 -6.03 3.37 7.10
C HIS A 26 -7.20 4.18 6.51
N TYR A 27 -7.09 4.57 5.24
CA TYR A 27 -8.12 5.28 4.48
C TYR A 27 -9.35 4.42 4.09
N ILE A 28 -9.58 3.31 4.79
CA ILE A 28 -10.67 2.37 4.56
C ILE A 28 -11.16 1.79 5.89
N ASN A 29 -10.24 1.31 6.74
CA ASN A 29 -10.51 0.79 8.08
C ASN A 29 -10.97 1.89 9.03
N LEU A 30 -10.64 3.16 8.76
CA LEU A 30 -11.22 4.25 9.54
C LEU A 30 -12.63 4.56 9.06
N ILE A 31 -12.81 4.70 7.75
CA ILE A 31 -14.08 5.06 7.15
C ILE A 31 -15.14 3.99 7.41
N THR A 32 -14.78 2.70 7.30
CA THR A 32 -15.66 1.58 7.64
C THR A 32 -16.18 1.68 9.08
N ARG A 33 -15.33 2.14 10.02
CA ARG A 33 -15.63 2.40 11.42
C ARG A 33 -16.29 3.76 11.67
N GLN A 34 -16.86 4.37 10.64
CA GLN A 34 -17.52 5.67 10.72
C GLN A 34 -18.77 5.78 9.83
N ARG A 35 -18.72 5.21 8.62
CA ARG A 35 -19.80 5.19 7.62
C ARG A 35 -20.99 4.33 8.12
N TYR A 36 -21.65 3.63 7.20
CA TYR A 36 -22.68 2.62 7.50
C TYR A 36 -22.36 1.72 8.72
N NH2 A 37 -21.10 1.39 8.96
HN1 NH2 A 37 -20.35 1.69 8.35
HN2 NH2 A 37 -20.91 0.90 9.81
N TYR A 1 12.12 -12.13 -19.88
CA TYR A 1 13.18 -12.90 -20.58
C TYR A 1 13.99 -12.01 -21.52
N PRO A 2 13.39 -11.39 -22.57
CA PRO A 2 14.14 -10.58 -23.53
C PRO A 2 14.57 -9.24 -22.94
N SER A 3 13.68 -8.60 -22.16
CA SER A 3 13.90 -7.34 -21.47
C SER A 3 13.44 -7.49 -20.01
N LYS A 4 14.30 -8.09 -19.18
CA LYS A 4 14.03 -8.24 -17.74
C LYS A 4 13.82 -6.87 -17.08
N PRO A 5 13.02 -6.79 -15.99
CA PRO A 5 12.74 -5.53 -15.33
C PRO A 5 13.94 -4.97 -14.56
N ASP A 6 14.79 -5.87 -14.02
CA ASP A 6 15.98 -5.57 -13.21
C ASP A 6 15.62 -4.97 -11.86
N ASN A 7 14.99 -3.78 -11.88
CA ASN A 7 14.42 -3.12 -10.74
C ASN A 7 13.07 -3.76 -10.35
N PRO A 8 12.85 -4.04 -9.05
CA PRO A 8 11.55 -4.46 -8.54
C PRO A 8 10.54 -3.29 -8.54
N GLY A 9 9.31 -3.55 -8.06
CA GLY A 9 8.22 -2.57 -7.93
C GLY A 9 8.70 -1.20 -7.46
N GLU A 10 9.22 -1.18 -6.23
CA GLU A 10 9.84 -0.01 -5.61
C GLU A 10 11.14 -0.37 -4.88
N ASP A 11 11.08 -1.27 -3.89
CA ASP A 11 12.24 -1.75 -3.12
C ASP A 11 11.94 -3.09 -2.43
N ALA A 12 12.00 -4.19 -3.19
CA ALA A 12 11.63 -5.56 -2.77
C ALA A 12 10.15 -5.69 -2.32
N PRO A 13 9.58 -6.91 -2.21
CA PRO A 13 8.21 -7.12 -1.74
C PRO A 13 8.10 -7.02 -0.20
N ALA A 14 8.51 -5.87 0.36
CA ALA A 14 8.54 -5.59 1.81
C ALA A 14 8.91 -4.14 2.18
N GLU A 15 8.67 -3.16 1.30
CA GLU A 15 8.98 -1.75 1.49
C GLU A 15 8.22 -0.99 0.39
N ASP A 16 7.96 0.29 0.64
CA ASP A 16 7.20 1.26 -0.15
C ASP A 16 5.70 0.89 -0.26
N LEU A 17 5.44 -0.31 -0.79
CA LEU A 17 4.12 -0.94 -0.85
C LEU A 17 3.54 -1.08 0.54
N ALA A 18 4.31 -1.57 1.52
CA ALA A 18 3.77 -1.78 2.86
C ALA A 18 3.16 -0.48 3.40
N GLN A 19 3.77 0.67 3.10
CA GLN A 19 3.23 1.99 3.40
C GLN A 19 1.95 2.27 2.60
N TYR A 20 1.96 2.07 1.28
CA TYR A 20 0.80 2.25 0.40
C TYR A 20 -0.39 1.39 0.85
N ALA A 21 -0.20 0.08 0.87
CA ALA A 21 -1.19 -0.90 1.30
C ALA A 21 -1.66 -0.61 2.73
N ALA A 22 -0.79 -0.11 3.62
CA ALA A 22 -1.12 0.29 4.98
C ALA A 22 -1.94 1.58 5.01
N ASP A 23 -1.51 2.65 4.32
CA ASP A 23 -2.26 3.89 4.15
C ASP A 23 -3.67 3.57 3.66
N LEU A 24 -3.79 2.70 2.65
CA LEU A 24 -5.09 2.29 2.13
C LEU A 24 -5.86 1.46 3.16
N ARG A 25 -5.21 0.51 3.85
CA ARG A 25 -5.79 -0.26 4.97
C ARG A 25 -6.24 0.61 6.13
N HIS A 26 -5.53 1.71 6.41
CA HIS A 26 -5.83 2.68 7.47
C HIS A 26 -7.01 3.55 7.05
N TYR A 27 -6.95 4.17 5.87
CA TYR A 27 -8.04 4.91 5.26
C TYR A 27 -9.32 4.09 5.22
N ILE A 28 -9.28 2.87 4.68
CA ILE A 28 -10.46 2.01 4.63
C ILE A 28 -11.01 1.77 6.03
N ASN A 29 -10.15 1.48 7.01
CA ASN A 29 -10.55 1.30 8.41
C ASN A 29 -11.20 2.57 8.97
N LEU A 30 -10.76 3.75 8.56
CA LEU A 30 -11.36 5.03 8.92
C LEU A 30 -12.69 5.23 8.20
N ILE A 31 -12.71 5.25 6.87
CA ILE A 31 -13.90 5.43 6.05
C ILE A 31 -14.97 4.39 6.43
N THR A 32 -14.62 3.10 6.60
CA THR A 32 -15.57 2.07 7.03
C THR A 32 -16.09 2.31 8.45
N ARG A 33 -15.22 2.73 9.39
CA ARG A 33 -15.55 3.07 10.78
C ARG A 33 -16.04 4.53 10.93
N GLN A 34 -16.35 5.19 9.81
CA GLN A 34 -16.82 6.57 9.76
C GLN A 34 -17.82 6.76 8.60
N ARG A 35 -18.68 5.77 8.38
CA ARG A 35 -19.72 5.85 7.35
C ARG A 35 -20.88 4.91 7.66
N TYR A 36 -21.44 4.27 6.63
CA TYR A 36 -22.39 3.15 6.68
C TYR A 36 -22.08 2.13 7.78
N NH2 A 37 -20.81 1.82 8.04
HN1 NH2 A 37 -20.07 2.21 7.50
HN2 NH2 A 37 -20.65 1.22 8.82
N TYR A 1 0.53 17.58 -8.29
CA TYR A 1 1.17 16.35 -7.82
C TYR A 1 2.16 15.78 -8.87
N PRO A 2 3.12 16.58 -9.40
CA PRO A 2 4.05 16.10 -10.41
C PRO A 2 5.06 15.12 -9.79
N SER A 3 4.86 13.83 -10.05
CA SER A 3 5.76 12.76 -9.61
C SER A 3 5.41 11.44 -10.31
N LYS A 4 4.14 11.02 -10.18
CA LYS A 4 3.58 9.74 -10.66
C LYS A 4 4.57 8.57 -10.48
N PRO A 5 4.94 8.21 -9.23
CA PRO A 5 5.97 7.25 -8.96
C PRO A 5 5.52 5.86 -9.40
N ASP A 6 4.35 5.41 -8.91
CA ASP A 6 3.75 4.10 -9.17
C ASP A 6 4.81 2.99 -9.06
N ASN A 7 5.07 2.51 -7.84
CA ASN A 7 6.06 1.44 -7.59
C ASN A 7 5.35 0.09 -7.37
N PRO A 8 5.15 -0.73 -8.41
CA PRO A 8 4.53 -2.05 -8.28
C PRO A 8 5.47 -3.05 -7.57
N GLY A 9 4.99 -4.27 -7.39
CA GLY A 9 5.74 -5.38 -6.79
C GLY A 9 6.60 -6.15 -7.78
N GLU A 10 7.19 -5.46 -8.78
CA GLU A 10 8.03 -6.07 -9.83
C GLU A 10 9.54 -5.92 -9.55
N ASP A 11 9.90 -5.16 -8.51
CA ASP A 11 11.26 -4.91 -8.05
C ASP A 11 11.22 -4.83 -6.52
N ALA A 12 11.49 -5.96 -5.85
CA ALA A 12 11.49 -6.11 -4.39
C ALA A 12 10.16 -5.70 -3.72
N PRO A 13 9.16 -6.60 -3.62
CA PRO A 13 7.83 -6.30 -3.06
C PRO A 13 7.86 -6.11 -1.52
N ALA A 14 8.51 -5.02 -1.08
CA ALA A 14 8.77 -4.67 0.32
C ALA A 14 9.36 -3.24 0.43
N GLU A 15 8.85 -2.28 -0.36
CA GLU A 15 9.30 -0.89 -0.35
C GLU A 15 8.12 0.02 0.05
N ASP A 16 7.95 1.15 -0.61
CA ASP A 16 6.90 2.14 -0.32
C ASP A 16 5.51 1.49 -0.34
N LEU A 17 5.29 0.54 -1.26
CA LEU A 17 4.09 -0.31 -1.35
C LEU A 17 3.72 -0.96 0.00
N ALA A 18 4.69 -1.25 0.86
CA ALA A 18 4.46 -1.81 2.19
C ALA A 18 3.65 -0.84 3.06
N GLN A 19 4.00 0.45 3.01
CA GLN A 19 3.25 1.53 3.66
C GLN A 19 2.01 1.90 2.87
N TYR A 20 2.00 1.76 1.54
CA TYR A 20 0.85 2.06 0.69
C TYR A 20 -0.33 1.16 1.07
N ALA A 21 -0.09 -0.15 1.13
CA ALA A 21 -1.09 -1.10 1.61
C ALA A 21 -1.60 -0.74 3.02
N ALA A 22 -0.75 -0.17 3.90
CA ALA A 22 -1.09 0.27 5.23
C ALA A 22 -1.93 1.57 5.22
N ASP A 23 -1.52 2.59 4.47
CA ASP A 23 -2.30 3.82 4.24
C ASP A 23 -3.70 3.47 3.75
N LEU A 24 -3.80 2.60 2.73
CA LEU A 24 -5.10 2.12 2.24
C LEU A 24 -5.86 1.36 3.33
N ARG A 25 -5.22 0.40 4.02
CA ARG A 25 -5.80 -0.31 5.17
C ARG A 25 -6.26 0.61 6.29
N HIS A 26 -5.62 1.76 6.48
CA HIS A 26 -5.98 2.76 7.47
C HIS A 26 -7.16 3.61 6.98
N TYR A 27 -7.05 4.19 5.78
CA TYR A 27 -8.12 4.95 5.13
C TYR A 27 -9.42 4.13 5.09
N ILE A 28 -9.37 2.87 4.63
CA ILE A 28 -10.54 1.99 4.62
C ILE A 28 -11.16 1.85 6.02
N ASN A 29 -10.33 1.63 7.04
CA ASN A 29 -10.78 1.50 8.44
C ASN A 29 -11.32 2.83 9.03
N LEU A 30 -10.88 3.96 8.46
CA LEU A 30 -11.39 5.29 8.75
C LEU A 30 -12.76 5.52 8.07
N ILE A 31 -12.85 5.27 6.76
CA ILE A 31 -14.08 5.40 5.98
C ILE A 31 -15.14 4.38 6.45
N THR A 32 -14.80 3.10 6.64
CA THR A 32 -15.75 2.07 7.06
C THR A 32 -16.47 2.48 8.36
N ARG A 33 -15.71 3.04 9.30
CA ARG A 33 -16.21 3.52 10.59
C ARG A 33 -16.68 4.99 10.54
N GLN A 34 -17.12 5.46 9.37
CA GLN A 34 -17.56 6.82 9.11
C GLN A 34 -18.70 6.92 8.07
N ARG A 35 -18.63 6.14 6.99
CA ARG A 35 -19.66 6.00 5.96
C ARG A 35 -20.88 5.25 6.56
N TYR A 36 -21.65 4.55 5.72
CA TYR A 36 -22.78 3.65 6.03
C TYR A 36 -22.96 3.27 7.52
N NH2 A 37 -23.57 4.13 8.32
HN1 NH2 A 37 -23.64 5.10 8.04
HN2 NH2 A 37 -23.52 3.87 9.30
N TYR A 1 5.10 24.89 -7.61
CA TYR A 1 6.32 25.13 -8.42
C TYR A 1 6.58 23.99 -9.41
N PRO A 2 6.80 22.73 -8.96
CA PRO A 2 7.13 21.63 -9.87
C PRO A 2 5.92 21.21 -10.71
N SER A 3 4.87 20.75 -10.04
CA SER A 3 3.61 20.32 -10.65
C SER A 3 2.59 20.08 -9.53
N LYS A 4 2.63 18.89 -8.91
CA LYS A 4 1.77 18.46 -7.81
C LYS A 4 2.46 17.35 -6.98
N PRO A 5 2.04 17.11 -5.73
CA PRO A 5 2.56 16.05 -4.86
C PRO A 5 1.97 14.69 -5.25
N ASP A 6 2.81 13.84 -5.85
CA ASP A 6 2.52 12.46 -6.24
C ASP A 6 3.79 11.85 -6.87
N ASN A 7 3.85 10.51 -6.90
CA ASN A 7 4.92 9.75 -7.56
C ASN A 7 4.57 8.24 -7.51
N PRO A 8 3.86 7.69 -8.51
CA PRO A 8 3.58 6.26 -8.56
C PRO A 8 4.84 5.46 -8.89
N GLY A 9 4.74 4.13 -8.80
CA GLY A 9 5.80 3.20 -9.15
C GLY A 9 5.57 2.62 -10.54
N GLU A 10 5.44 1.28 -10.57
CA GLU A 10 5.19 0.46 -11.77
C GLU A 10 5.08 -1.02 -11.38
N ASP A 11 6.02 -1.52 -10.59
CA ASP A 11 6.11 -2.90 -10.11
C ASP A 11 7.20 -2.99 -9.02
N ALA A 12 6.81 -3.16 -7.75
CA ALA A 12 7.73 -3.40 -6.63
C ALA A 12 6.97 -3.99 -5.41
N PRO A 13 6.62 -5.30 -5.41
CA PRO A 13 5.88 -5.93 -4.32
C PRO A 13 6.74 -6.20 -3.06
N ALA A 14 7.52 -5.22 -2.62
CA ALA A 14 8.45 -5.30 -1.51
C ALA A 14 9.05 -3.91 -1.25
N GLU A 15 8.88 -3.40 -0.01
CA GLU A 15 9.24 -2.06 0.43
C GLU A 15 8.36 -1.02 -0.26
N ASP A 16 8.02 0.04 0.48
CA ASP A 16 7.17 1.17 0.04
C ASP A 16 5.70 0.76 -0.05
N LEU A 17 5.41 -0.38 -0.69
CA LEU A 17 4.10 -0.98 -0.81
C LEU A 17 3.48 -1.21 0.56
N ALA A 18 4.24 -1.67 1.56
CA ALA A 18 3.74 -1.79 2.93
C ALA A 18 3.13 -0.47 3.39
N GLN A 19 3.75 0.68 3.08
CA GLN A 19 3.22 2.00 3.40
C GLN A 19 1.97 2.31 2.59
N TYR A 20 1.96 2.04 1.28
CA TYR A 20 0.81 2.26 0.39
C TYR A 20 -0.38 1.41 0.82
N ALA A 21 -0.20 0.08 0.84
CA ALA A 21 -1.18 -0.89 1.29
C ALA A 21 -1.66 -0.58 2.71
N ALA A 22 -0.78 -0.10 3.60
CA ALA A 22 -1.12 0.31 4.96
C ALA A 22 -1.91 1.62 4.99
N ASP A 23 -1.51 2.65 4.26
CA ASP A 23 -2.26 3.90 4.12
C ASP A 23 -3.66 3.58 3.62
N LEU A 24 -3.77 2.73 2.60
CA LEU A 24 -5.07 2.33 2.06
C LEU A 24 -5.85 1.51 3.10
N ARG A 25 -5.20 0.58 3.82
CA ARG A 25 -5.80 -0.17 4.94
C ARG A 25 -6.29 0.75 6.06
N HIS A 26 -5.49 1.76 6.44
CA HIS A 26 -5.78 2.71 7.50
C HIS A 26 -6.97 3.59 7.10
N TYR A 27 -6.88 4.20 5.90
CA TYR A 27 -8.00 4.93 5.30
C TYR A 27 -9.26 4.09 5.29
N ILE A 28 -9.24 2.89 4.70
CA ILE A 28 -10.43 2.02 4.64
C ILE A 28 -11.00 1.82 6.04
N ASN A 29 -10.15 1.47 7.02
CA ASN A 29 -10.54 1.28 8.42
C ASN A 29 -11.25 2.50 9.01
N LEU A 30 -10.83 3.71 8.60
CA LEU A 30 -11.45 4.97 8.99
C LEU A 30 -12.74 5.21 8.21
N ILE A 31 -12.70 5.15 6.88
CA ILE A 31 -13.86 5.28 5.97
C ILE A 31 -14.99 4.32 6.44
N THR A 32 -14.65 3.10 6.84
CA THR A 32 -15.61 2.14 7.40
C THR A 32 -16.24 2.62 8.72
N ARG A 33 -15.46 3.31 9.56
CA ARG A 33 -15.91 3.97 10.80
C ARG A 33 -16.61 5.33 10.60
N GLN A 34 -16.93 5.68 9.34
CA GLN A 34 -17.64 6.91 8.97
C GLN A 34 -18.62 6.68 7.80
N ARG A 35 -19.13 5.44 7.63
CA ARG A 35 -20.05 5.06 6.56
C ARG A 35 -21.30 4.36 7.12
N TYR A 36 -21.79 3.34 6.41
CA TYR A 36 -22.85 2.41 6.79
C TYR A 36 -22.74 1.89 8.25
N NH2 A 37 -21.54 1.74 8.79
HN1 NH2 A 37 -20.70 1.89 8.24
HN2 NH2 A 37 -21.50 1.43 9.74
N TYR A 1 23.93 0.27 -9.98
CA TYR A 1 22.67 -0.03 -10.70
C TYR A 1 22.97 -0.38 -12.15
N PRO A 2 23.18 -1.66 -12.50
CA PRO A 2 23.48 -2.07 -13.86
C PRO A 2 22.23 -2.07 -14.75
N SER A 3 21.21 -2.85 -14.36
CA SER A 3 19.91 -2.87 -15.02
C SER A 3 18.84 -3.43 -14.09
N LYS A 4 19.10 -4.62 -13.52
CA LYS A 4 18.23 -5.42 -12.63
C LYS A 4 16.74 -5.21 -12.96
N PRO A 5 16.18 -5.93 -13.96
CA PRO A 5 14.79 -5.76 -14.38
C PRO A 5 13.81 -6.43 -13.38
N ASP A 6 13.87 -5.94 -12.14
CA ASP A 6 13.09 -6.33 -10.98
C ASP A 6 12.35 -5.11 -10.42
N ASN A 7 11.44 -5.32 -9.47
CA ASN A 7 10.65 -4.27 -8.85
C ASN A 7 11.53 -3.09 -8.37
N PRO A 8 11.21 -1.83 -8.74
CA PRO A 8 12.00 -0.68 -8.30
C PRO A 8 11.82 -0.47 -6.78
N GLY A 9 12.94 -0.31 -6.09
CA GLY A 9 13.02 -0.03 -4.67
C GLY A 9 13.88 1.21 -4.44
N GLU A 10 14.73 1.16 -3.41
CA GLU A 10 15.67 2.23 -3.05
C GLU A 10 16.80 1.69 -2.14
N ASP A 11 16.40 0.97 -1.09
CA ASP A 11 17.28 0.31 -0.12
C ASP A 11 16.99 -1.20 -0.13
N ALA A 12 15.78 -1.58 0.28
CA ALA A 12 15.32 -2.96 0.41
C ALA A 12 13.89 -3.14 -0.12
N PRO A 13 13.39 -4.39 -0.20
CA PRO A 13 11.98 -4.66 -0.49
C PRO A 13 11.11 -4.35 0.74
N ALA A 14 9.89 -3.84 0.48
CA ALA A 14 8.87 -3.52 1.49
C ALA A 14 9.13 -2.19 2.23
N GLU A 15 9.46 -1.14 1.46
CA GLU A 15 9.83 0.19 1.98
C GLU A 15 8.97 1.35 1.47
N ASP A 16 8.06 1.04 0.54
CA ASP A 16 7.09 1.95 -0.08
C ASP A 16 5.74 1.22 -0.19
N LEU A 17 5.62 0.29 -1.16
CA LEU A 17 4.39 -0.47 -1.44
C LEU A 17 3.79 -1.14 -0.19
N ALA A 18 4.63 -1.42 0.80
CA ALA A 18 4.28 -1.92 2.12
C ALA A 18 3.39 -0.91 2.86
N GLN A 19 3.90 0.32 3.03
CA GLN A 19 3.16 1.41 3.65
C GLN A 19 1.97 1.86 2.80
N TYR A 20 2.04 1.74 1.47
CA TYR A 20 0.91 1.97 0.58
C TYR A 20 -0.29 1.11 1.00
N ALA A 21 -0.06 -0.19 1.22
CA ALA A 21 -1.10 -1.09 1.72
C ALA A 21 -1.59 -0.69 3.12
N ALA A 22 -0.75 -0.07 3.95
CA ALA A 22 -1.09 0.40 5.30
C ALA A 22 -1.91 1.69 5.29
N ASP A 23 -1.51 2.71 4.51
CA ASP A 23 -2.28 3.93 4.28
C ASP A 23 -3.68 3.58 3.76
N LEU A 24 -3.74 2.74 2.72
CA LEU A 24 -5.02 2.30 2.18
C LEU A 24 -5.82 1.51 3.22
N ARG A 25 -5.18 0.68 4.05
CA ARG A 25 -5.81 -0.01 5.19
C ARG A 25 -6.36 0.95 6.24
N HIS A 26 -5.60 1.98 6.60
CA HIS A 26 -6.01 2.98 7.58
C HIS A 26 -7.19 3.77 7.05
N TYR A 27 -7.09 4.29 5.81
CA TYR A 27 -8.20 4.95 5.12
C TYR A 27 -9.44 4.08 5.12
N ILE A 28 -9.36 2.84 4.62
CA ILE A 28 -10.51 1.94 4.59
C ILE A 28 -11.11 1.73 5.98
N ASN A 29 -10.28 1.55 7.01
CA ASN A 29 -10.74 1.43 8.40
C ASN A 29 -11.42 2.71 8.89
N LEU A 30 -10.90 3.87 8.50
CA LEU A 30 -11.47 5.18 8.82
C LEU A 30 -12.82 5.36 8.12
N ILE A 31 -12.89 5.12 6.82
CA ILE A 31 -14.10 5.21 6.03
C ILE A 31 -15.12 4.16 6.48
N THR A 32 -14.80 2.86 6.50
CA THR A 32 -15.72 1.79 6.91
C THR A 32 -16.38 2.08 8.26
N ARG A 33 -15.61 2.61 9.22
CA ARG A 33 -16.09 3.00 10.55
C ARG A 33 -16.69 4.41 10.60
N GLN A 34 -16.98 5.01 9.44
CA GLN A 34 -17.48 6.37 9.27
C GLN A 34 -18.25 6.56 7.94
N ARG A 35 -18.90 5.51 7.42
CA ARG A 35 -19.67 5.55 6.15
C ARG A 35 -21.12 5.11 6.38
N TYR A 36 -21.67 4.29 5.47
CA TYR A 36 -22.95 3.59 5.48
C TYR A 36 -23.56 3.39 6.89
N NH2 A 37 -24.28 4.37 7.41
HN1 NH2 A 37 -24.26 5.28 7.00
HN2 NH2 A 37 -24.47 4.17 8.38
N TYR A 1 8.00 -31.41 -3.44
CA TYR A 1 6.64 -31.65 -3.93
C TYR A 1 5.63 -31.47 -2.79
N PRO A 2 5.29 -30.21 -2.42
CA PRO A 2 4.35 -29.92 -1.34
C PRO A 2 2.90 -30.23 -1.75
N SER A 3 2.40 -29.52 -2.78
CA SER A 3 1.07 -29.71 -3.37
C SER A 3 0.94 -28.94 -4.68
N LYS A 4 1.25 -27.63 -4.64
CA LYS A 4 1.19 -26.68 -5.74
C LYS A 4 2.54 -25.94 -5.88
N PRO A 5 3.60 -26.64 -6.35
CA PRO A 5 4.93 -26.06 -6.54
C PRO A 5 4.98 -25.15 -7.78
N ASP A 6 4.41 -23.94 -7.64
CA ASP A 6 4.37 -22.91 -8.69
C ASP A 6 4.02 -21.55 -8.07
N ASN A 7 5.03 -20.77 -7.68
CA ASN A 7 4.82 -19.42 -7.15
C ASN A 7 6.12 -18.60 -7.29
N PRO A 8 6.07 -17.37 -7.83
CA PRO A 8 7.23 -16.50 -7.84
C PRO A 8 7.57 -16.03 -6.42
N GLY A 9 8.86 -16.01 -6.09
CA GLY A 9 9.39 -15.49 -4.84
C GLY A 9 10.42 -14.41 -5.16
N GLU A 10 11.62 -14.53 -4.56
CA GLU A 10 12.74 -13.58 -4.65
C GLU A 10 12.36 -12.23 -4.04
N ASP A 11 13.02 -11.84 -2.95
CA ASP A 11 12.79 -10.56 -2.25
C ASP A 11 11.29 -10.26 -1.99
N ALA A 12 10.74 -10.88 -0.94
CA ALA A 12 9.31 -10.76 -0.61
C ALA A 12 8.85 -9.30 -0.50
N PRO A 13 7.63 -8.96 -0.96
CA PRO A 13 7.14 -7.59 -1.02
C PRO A 13 6.90 -7.03 0.38
N ALA A 14 7.66 -5.99 0.75
CA ALA A 14 7.58 -5.34 2.06
C ALA A 14 8.30 -3.96 2.10
N GLU A 15 8.10 -3.12 1.07
CA GLU A 15 8.80 -1.83 0.92
C GLU A 15 7.80 -0.66 0.90
N ASP A 16 7.96 0.30 -0.04
CA ASP A 16 7.04 1.42 -0.29
C ASP A 16 5.58 0.95 -0.38
N LEU A 17 5.35 -0.16 -1.10
CA LEU A 17 4.05 -0.83 -1.16
C LEU A 17 3.53 -1.13 0.24
N ALA A 18 4.34 -1.68 1.15
CA ALA A 18 3.89 -2.03 2.50
C ALA A 18 3.29 -0.80 3.19
N GLN A 19 3.92 0.37 3.01
CA GLN A 19 3.42 1.65 3.49
C GLN A 19 2.13 2.09 2.78
N TYR A 20 2.09 1.97 1.45
CA TYR A 20 0.92 2.29 0.62
C TYR A 20 -0.30 1.44 1.00
N ALA A 21 -0.12 0.12 1.01
CA ALA A 21 -1.12 -0.85 1.45
C ALA A 21 -1.59 -0.57 2.87
N ALA A 22 -0.71 -0.03 3.74
CA ALA A 22 -1.03 0.40 5.10
C ALA A 22 -1.88 1.67 5.11
N ASP A 23 -1.47 2.73 4.39
CA ASP A 23 -2.24 3.96 4.22
C ASP A 23 -3.66 3.62 3.73
N LEU A 24 -3.75 2.76 2.70
CA LEU A 24 -5.05 2.33 2.18
C LEU A 24 -5.82 1.49 3.21
N ARG A 25 -5.16 0.60 3.97
CA ARG A 25 -5.73 -0.16 5.08
C ARG A 25 -6.25 0.75 6.21
N HIS A 26 -5.55 1.85 6.49
CA HIS A 26 -5.89 2.82 7.51
C HIS A 26 -7.09 3.67 7.06
N TYR A 27 -7.01 4.23 5.85
CA TYR A 27 -8.12 4.95 5.21
C TYR A 27 -9.38 4.08 5.19
N ILE A 28 -9.33 2.87 4.65
CA ILE A 28 -10.49 1.97 4.63
C ILE A 28 -11.08 1.75 6.02
N ASN A 29 -10.24 1.56 7.04
CA ASN A 29 -10.67 1.45 8.42
C ASN A 29 -11.37 2.74 8.90
N LEU A 30 -10.84 3.91 8.53
CA LEU A 30 -11.44 5.21 8.81
C LEU A 30 -12.74 5.50 8.03
N ILE A 31 -12.90 4.91 6.84
CA ILE A 31 -14.11 4.99 6.03
C ILE A 31 -15.16 3.95 6.49
N THR A 32 -14.73 2.78 6.96
CA THR A 32 -15.60 1.73 7.50
C THR A 32 -16.10 2.06 8.91
N ARG A 33 -15.24 2.64 9.76
CA ARG A 33 -15.61 3.08 11.12
C ARG A 33 -16.57 4.27 11.12
N GLN A 34 -16.73 4.90 9.97
CA GLN A 34 -17.64 6.03 9.75
C GLN A 34 -19.10 5.56 9.65
N ARG A 35 -19.33 4.37 9.06
CA ARG A 35 -20.67 3.81 8.87
C ARG A 35 -21.11 3.06 10.14
N TYR A 36 -21.67 1.86 9.96
CA TYR A 36 -22.00 0.88 11.00
C TYR A 36 -20.89 0.71 12.05
N NH2 A 37 -19.62 0.80 11.69
HN1 NH2 A 37 -19.34 0.96 10.73
HN2 NH2 A 37 -18.95 0.75 12.43
N TYR A 1 13.84 20.44 2.46
CA TYR A 1 15.09 20.02 1.78
C TYR A 1 16.27 20.08 2.76
N PRO A 2 16.54 19.00 3.51
CA PRO A 2 17.64 18.97 4.48
C PRO A 2 19.03 18.89 3.80
N SER A 3 19.19 17.94 2.86
CA SER A 3 20.37 17.67 2.02
C SER A 3 20.25 16.36 1.24
N LYS A 4 19.59 15.35 1.83
CA LYS A 4 19.28 14.05 1.24
C LYS A 4 17.78 13.79 1.35
N PRO A 5 16.96 14.40 0.47
CA PRO A 5 15.53 14.13 0.41
C PRO A 5 15.25 12.77 -0.20
N ASP A 6 14.42 11.97 0.47
CA ASP A 6 14.01 10.65 -0.01
C ASP A 6 13.08 10.81 -1.23
N ASN A 7 13.25 9.94 -2.24
CA ASN A 7 12.41 9.94 -3.43
C ASN A 7 12.26 8.52 -3.99
N PRO A 8 11.12 8.20 -4.65
CA PRO A 8 10.95 6.94 -5.34
C PRO A 8 11.83 6.91 -6.60
N GLY A 9 12.30 5.71 -6.97
CA GLY A 9 13.10 5.48 -8.17
C GLY A 9 12.24 5.53 -9.44
N GLU A 10 11.43 4.49 -9.65
CA GLU A 10 10.40 4.32 -10.70
C GLU A 10 9.82 2.90 -10.70
N ASP A 11 10.66 1.89 -10.44
CA ASP A 11 10.34 0.45 -10.41
C ASP A 11 11.31 -0.25 -9.45
N ALA A 12 10.84 -0.63 -8.25
CA ALA A 12 11.60 -1.41 -7.26
C ALA A 12 10.65 -1.97 -6.20
N PRO A 13 10.00 -3.12 -6.44
CA PRO A 13 9.15 -3.76 -5.43
C PRO A 13 10.01 -4.37 -4.31
N ALA A 14 9.35 -4.66 -3.18
CA ALA A 14 9.88 -5.26 -1.94
C ALA A 14 10.39 -4.19 -0.95
N GLU A 15 9.99 -2.93 -1.11
CA GLU A 15 10.37 -1.78 -0.33
C GLU A 15 9.37 -0.66 -0.71
N ASP A 16 9.12 0.25 0.21
CA ASP A 16 8.21 1.44 0.12
C ASP A 16 6.72 1.06 0.05
N LEU A 17 6.38 0.08 -0.79
CA LEU A 17 5.04 -0.53 -0.93
C LEU A 17 4.48 -1.05 0.40
N ALA A 18 5.34 -1.39 1.36
CA ALA A 18 5.07 -1.71 2.77
C ALA A 18 4.49 -0.52 3.58
N GLN A 19 3.72 0.34 2.91
CA GLN A 19 3.00 1.49 3.45
C GLN A 19 1.78 1.83 2.61
N TYR A 20 1.84 1.73 1.27
CA TYR A 20 0.72 2.02 0.37
C TYR A 20 -0.51 1.20 0.74
N ALA A 21 -0.34 -0.13 0.79
CA ALA A 21 -1.40 -1.05 1.19
C ALA A 21 -1.93 -0.75 2.60
N ALA A 22 -1.06 -0.27 3.50
CA ALA A 22 -1.35 0.12 4.88
C ALA A 22 -2.12 1.43 4.96
N ASP A 23 -1.69 2.47 4.25
CA ASP A 23 -2.40 3.75 4.14
C ASP A 23 -3.82 3.49 3.64
N LEU A 24 -3.96 2.70 2.56
CA LEU A 24 -5.27 2.34 2.03
C LEU A 24 -6.08 1.50 3.04
N ARG A 25 -5.45 0.58 3.78
CA ARG A 25 -6.06 -0.16 4.89
C ARG A 25 -6.47 0.72 6.08
N HIS A 26 -5.73 1.78 6.37
CA HIS A 26 -6.01 2.74 7.43
C HIS A 26 -7.15 3.65 7.02
N TYR A 27 -7.08 4.24 5.82
CA TYR A 27 -8.16 5.01 5.21
C TYR A 27 -9.45 4.22 5.25
N ILE A 28 -9.49 2.99 4.72
CA ILE A 28 -10.71 2.17 4.72
C ILE A 28 -11.24 1.92 6.14
N ASN A 29 -10.35 1.66 7.10
CA ASN A 29 -10.71 1.50 8.50
C ASN A 29 -11.41 2.76 9.02
N LEU A 30 -10.83 3.94 8.78
CA LEU A 30 -11.41 5.21 9.15
C LEU A 30 -12.73 5.45 8.43
N ILE A 31 -12.79 5.19 7.12
CA ILE A 31 -13.98 5.33 6.27
C ILE A 31 -15.10 4.42 6.77
N THR A 32 -14.87 3.10 6.89
CA THR A 32 -15.88 2.15 7.38
C THR A 32 -16.38 2.53 8.78
N ARG A 33 -15.47 3.00 9.67
CA ARG A 33 -15.79 3.54 10.99
C ARG A 33 -16.29 5.00 10.98
N GLN A 34 -16.64 5.54 9.81
CA GLN A 34 -17.16 6.89 9.59
C GLN A 34 -18.23 6.93 8.48
N ARG A 35 -18.86 5.79 8.15
CA ARG A 35 -19.86 5.70 7.09
C ARG A 35 -21.15 5.02 7.58
N TYR A 36 -21.75 4.20 6.71
CA TYR A 36 -22.85 3.27 6.98
C TYR A 36 -22.69 2.49 8.30
N NH2 A 37 -21.48 2.17 8.73
HN1 NH2 A 37 -20.66 2.37 8.19
HN2 NH2 A 37 -21.44 1.70 9.61
N TYR A 1 5.11 17.31 1.49
CA TYR A 1 5.74 18.03 0.36
C TYR A 1 7.22 18.31 0.63
N PRO A 2 8.09 17.27 0.75
CA PRO A 2 9.50 17.46 0.98
C PRO A 2 10.22 17.98 -0.28
N SER A 3 10.22 17.17 -1.33
CA SER A 3 10.77 17.50 -2.66
C SER A 3 10.28 16.48 -3.70
N LYS A 4 10.83 16.53 -4.90
CA LYS A 4 10.56 15.57 -5.99
C LYS A 4 10.80 14.11 -5.53
N PRO A 5 10.10 13.13 -6.12
CA PRO A 5 10.26 11.73 -5.76
C PRO A 5 11.62 11.21 -6.24
N ASP A 6 12.19 10.31 -5.44
CA ASP A 6 13.46 9.61 -5.66
C ASP A 6 13.22 8.11 -5.47
N ASN A 7 14.16 7.30 -5.97
CA ASN A 7 14.15 5.83 -6.00
C ASN A 7 13.10 5.28 -6.98
N PRO A 8 13.30 4.05 -7.52
CA PRO A 8 12.29 3.38 -8.33
C PRO A 8 11.12 2.87 -7.45
N GLY A 9 10.12 2.25 -8.09
CA GLY A 9 8.93 1.76 -7.38
C GLY A 9 8.11 0.79 -8.23
N GLU A 10 8.42 -0.50 -8.14
CA GLU A 10 7.78 -1.60 -8.87
C GLU A 10 7.81 -2.84 -7.99
N ASP A 11 6.62 -3.32 -7.61
CA ASP A 11 6.37 -4.50 -6.75
C ASP A 11 6.75 -4.23 -5.29
N ALA A 12 8.01 -3.87 -5.06
CA ALA A 12 8.64 -3.60 -3.76
C ALA A 12 8.24 -4.61 -2.68
N PRO A 13 8.74 -5.86 -2.76
CA PRO A 13 8.34 -6.96 -1.87
C PRO A 13 8.82 -6.72 -0.44
N ALA A 14 8.07 -5.89 0.29
CA ALA A 14 8.35 -5.37 1.62
C ALA A 14 9.51 -4.35 1.67
N GLU A 15 9.66 -3.55 0.61
CA GLU A 15 10.76 -2.58 0.46
C GLU A 15 10.31 -1.11 0.33
N ASP A 16 9.00 -0.91 0.23
CA ASP A 16 8.30 0.38 0.10
C ASP A 16 6.78 0.20 0.11
N LEU A 17 6.28 -0.89 -0.49
CA LEU A 17 4.85 -1.26 -0.50
C LEU A 17 4.27 -1.44 0.92
N ALA A 18 5.12 -1.70 1.92
CA ALA A 18 4.83 -1.79 3.36
C ALA A 18 4.33 -0.47 3.99
N GLN A 19 3.65 0.35 3.19
CA GLN A 19 3.08 1.63 3.54
C GLN A 19 1.89 1.97 2.64
N TYR A 20 1.94 1.64 1.34
CA TYR A 20 0.84 1.86 0.39
C TYR A 20 -0.41 1.10 0.83
N ALA A 21 -0.29 -0.23 0.96
CA ALA A 21 -1.41 -1.06 1.37
C ALA A 21 -2.01 -0.59 2.69
N ALA A 22 -1.15 -0.07 3.58
CA ALA A 22 -1.49 0.52 4.87
C ALA A 22 -2.17 1.88 4.72
N ASP A 23 -1.67 2.80 3.88
CA ASP A 23 -2.30 4.09 3.58
C ASP A 23 -3.73 3.87 3.11
N LEU A 24 -3.90 2.95 2.14
CA LEU A 24 -5.23 2.55 1.67
C LEU A 24 -6.06 1.94 2.79
N ARG A 25 -5.55 0.89 3.45
CA ARG A 25 -6.23 0.26 4.60
C ARG A 25 -6.62 1.27 5.66
N HIS A 26 -5.75 2.19 6.04
CA HIS A 26 -6.01 3.22 7.03
C HIS A 26 -7.18 4.10 6.57
N TYR A 27 -7.10 4.64 5.34
CA TYR A 27 -8.13 5.44 4.68
C TYR A 27 -9.39 4.65 4.24
N ILE A 28 -9.62 3.48 4.83
CA ILE A 28 -10.76 2.59 4.57
C ILE A 28 -11.26 1.95 5.85
N ASN A 29 -10.34 1.39 6.67
CA ASN A 29 -10.61 0.80 7.98
C ASN A 29 -11.08 1.88 8.96
N LEU A 30 -10.60 3.13 8.84
CA LEU A 30 -11.09 4.19 9.70
C LEU A 30 -12.47 4.68 9.28
N ILE A 31 -12.75 4.73 7.98
CA ILE A 31 -14.03 5.19 7.44
C ILE A 31 -15.10 4.10 7.65
N THR A 32 -14.81 2.83 7.31
CA THR A 32 -15.74 1.70 7.46
C THR A 32 -16.25 1.59 8.90
N ARG A 33 -15.35 1.76 9.90
CA ARG A 33 -15.68 1.71 11.33
C ARG A 33 -16.33 3.00 11.86
N GLN A 34 -16.56 3.98 10.97
CA GLN A 34 -17.03 5.33 11.22
C GLN A 34 -18.18 5.76 10.29
N ARG A 35 -18.82 4.80 9.61
CA ARG A 35 -19.93 5.06 8.69
C ARG A 35 -21.12 4.13 8.99
N TYR A 36 -21.83 3.68 7.94
CA TYR A 36 -22.88 2.68 7.98
C TYR A 36 -22.57 1.48 8.92
N NH2 A 37 -21.31 1.05 9.03
HN1 NH2 A 37 -20.58 1.45 8.46
HN2 NH2 A 37 -21.18 0.24 9.59
N TYR A 1 18.70 -23.11 11.64
CA TYR A 1 19.55 -22.69 10.50
C TYR A 1 19.21 -23.53 9.26
N PRO A 2 18.28 -23.08 8.38
CA PRO A 2 17.93 -23.82 7.17
C PRO A 2 19.01 -23.65 6.08
N SER A 3 19.08 -22.46 5.49
CA SER A 3 19.99 -22.08 4.40
C SER A 3 21.02 -21.06 4.88
N LYS A 4 20.55 -19.84 5.25
CA LYS A 4 21.35 -18.70 5.72
C LYS A 4 22.40 -18.27 4.67
N PRO A 5 22.00 -17.49 3.63
CA PRO A 5 22.88 -17.10 2.54
C PRO A 5 23.95 -16.09 2.98
N ASP A 6 23.55 -14.98 3.61
CA ASP A 6 24.42 -13.96 4.21
C ASP A 6 23.57 -13.15 5.21
N ASN A 7 22.88 -12.11 4.73
CA ASN A 7 22.00 -11.21 5.49
C ASN A 7 21.07 -10.48 4.50
N PRO A 8 19.79 -10.87 4.35
CA PRO A 8 18.82 -10.16 3.51
C PRO A 8 18.26 -8.91 4.19
N GLY A 9 18.77 -7.73 3.79
CA GLY A 9 18.31 -6.45 4.32
C GLY A 9 19.12 -5.26 3.80
N GLU A 10 18.85 -4.83 2.56
CA GLU A 10 19.50 -3.70 1.83
C GLU A 10 19.05 -3.61 0.36
N ASP A 11 18.67 -4.74 -0.24
CA ASP A 11 18.16 -4.85 -1.62
C ASP A 11 16.98 -5.83 -1.63
N ALA A 12 15.76 -5.33 -1.34
CA ALA A 12 14.54 -6.14 -1.37
C ALA A 12 13.29 -5.26 -1.61
N PRO A 13 12.10 -5.84 -1.84
CA PRO A 13 10.85 -5.07 -1.87
C PRO A 13 10.46 -4.60 -0.45
N ALA A 14 9.33 -3.89 -0.34
CA ALA A 14 8.75 -3.35 0.89
C ALA A 14 9.39 -2.01 1.31
N GLU A 15 9.53 -1.09 0.35
CA GLU A 15 10.18 0.22 0.55
C GLU A 15 9.25 1.43 0.32
N ASP A 16 8.01 1.15 -0.05
CA ASP A 16 6.97 2.13 -0.36
C ASP A 16 5.60 1.41 -0.34
N LEU A 17 5.42 0.43 -1.23
CA LEU A 17 4.19 -0.38 -1.39
C LEU A 17 3.71 -1.01 -0.07
N ALA A 18 4.65 -1.26 0.85
CA ALA A 18 4.43 -1.76 2.19
C ALA A 18 3.57 -0.79 3.00
N GLN A 19 3.98 0.49 3.04
CA GLN A 19 3.19 1.53 3.66
C GLN A 19 1.96 1.88 2.82
N TYR A 20 2.01 1.72 1.49
CA TYR A 20 0.86 1.98 0.61
C TYR A 20 -0.31 1.08 0.98
N ALA A 21 -0.06 -0.22 1.13
CA ALA A 21 -1.08 -1.14 1.63
C ALA A 21 -1.58 -0.76 3.03
N ALA A 22 -0.73 -0.17 3.89
CA ALA A 22 -1.07 0.25 5.24
C ALA A 22 -1.92 1.54 5.27
N ASP A 23 -1.51 2.57 4.52
CA ASP A 23 -2.27 3.82 4.33
C ASP A 23 -3.67 3.49 3.80
N LEU A 24 -3.75 2.65 2.76
CA LEU A 24 -5.04 2.22 2.23
C LEU A 24 -5.83 1.41 3.27
N ARG A 25 -5.18 0.51 4.03
CA ARG A 25 -5.80 -0.21 5.17
C ARG A 25 -6.31 0.73 6.26
N HIS A 26 -5.60 1.83 6.54
CA HIS A 26 -5.98 2.85 7.51
C HIS A 26 -7.17 3.66 7.00
N TYR A 27 -7.07 4.23 5.79
CA TYR A 27 -8.13 4.97 5.13
C TYR A 27 -9.42 4.14 5.10
N ILE A 28 -9.36 2.89 4.62
CA ILE A 28 -10.53 2.01 4.60
C ILE A 28 -11.14 1.83 6.00
N ASN A 29 -10.31 1.59 7.02
CA ASN A 29 -10.77 1.47 8.41
C ASN A 29 -11.36 2.77 8.97
N LEU A 30 -10.91 3.92 8.46
CA LEU A 30 -11.47 5.24 8.77
C LEU A 30 -12.82 5.45 8.09
N ILE A 31 -12.89 5.24 6.76
CA ILE A 31 -14.14 5.35 6.00
C ILE A 31 -15.15 4.34 6.55
N THR A 32 -14.80 3.06 6.73
CA THR A 32 -15.71 2.03 7.25
C THR A 32 -16.35 2.40 8.59
N ARG A 33 -15.66 3.24 9.37
CA ARG A 33 -16.14 3.80 10.63
C ARG A 33 -17.12 4.97 10.48
N GLN A 34 -17.52 5.30 9.25
CA GLN A 34 -18.38 6.43 8.86
C GLN A 34 -19.37 6.11 7.73
N ARG A 35 -18.95 5.39 6.67
CA ARG A 35 -19.85 4.82 5.65
C ARG A 35 -20.93 3.98 6.32
N TYR A 36 -22.03 3.73 5.60
CA TYR A 36 -23.20 2.95 6.03
C TYR A 36 -23.77 3.31 7.43
N NH2 A 37 -23.40 4.44 8.04
HN1 NH2 A 37 -22.64 5.00 7.67
HN2 NH2 A 37 -23.69 4.52 8.99
N TYR A 1 14.07 9.50 -29.77
CA TYR A 1 13.12 10.60 -29.50
C TYR A 1 13.28 11.12 -28.07
N PRO A 2 14.17 12.13 -27.84
CA PRO A 2 14.37 12.73 -26.54
C PRO A 2 13.22 13.67 -26.17
N SER A 3 12.16 13.10 -25.57
CA SER A 3 10.96 13.80 -25.11
C SER A 3 10.26 13.04 -23.98
N LYS A 4 10.09 11.72 -24.13
CA LYS A 4 9.45 10.84 -23.14
C LYS A 4 10.46 9.76 -22.67
N PRO A 5 11.32 10.08 -21.68
CA PRO A 5 12.29 9.14 -21.14
C PRO A 5 11.61 8.03 -20.33
N ASP A 6 12.37 7.01 -19.91
CA ASP A 6 11.89 5.96 -19.02
C ASP A 6 12.04 6.36 -17.54
N ASN A 7 11.47 5.56 -16.64
CA ASN A 7 11.59 5.76 -15.20
C ASN A 7 11.86 4.41 -14.51
N PRO A 8 12.83 4.33 -13.57
CA PRO A 8 13.11 3.10 -12.82
C PRO A 8 12.01 2.84 -11.78
N GLY A 9 11.12 1.88 -12.09
CA GLY A 9 9.98 1.52 -11.26
C GLY A 9 8.70 2.19 -11.74
N GLU A 10 7.72 1.41 -12.18
CA GLU A 10 6.40 1.92 -12.57
C GLU A 10 5.57 2.43 -11.39
N ASP A 11 5.76 1.85 -10.20
CA ASP A 11 5.10 2.16 -8.95
C ASP A 11 5.86 1.41 -7.85
N ALA A 12 6.70 2.11 -7.08
CA ALA A 12 7.39 1.54 -5.92
C ALA A 12 8.15 0.21 -6.24
N PRO A 13 9.38 0.29 -6.81
CA PRO A 13 10.16 -0.88 -7.23
C PRO A 13 10.71 -1.65 -6.02
N ALA A 14 9.80 -2.36 -5.34
CA ALA A 14 10.01 -3.20 -4.16
C ALA A 14 10.28 -2.37 -2.88
N GLU A 15 9.59 -1.24 -2.68
CA GLU A 15 9.75 -0.34 -1.54
C GLU A 15 8.67 0.72 -1.60
N ASP A 16 8.14 1.14 -0.45
CA ASP A 16 7.05 2.12 -0.24
C ASP A 16 5.69 1.44 -0.35
N LEU A 17 5.49 0.56 -1.35
CA LEU A 17 4.28 -0.24 -1.60
C LEU A 17 3.73 -0.96 -0.34
N ALA A 18 4.64 -1.25 0.61
CA ALA A 18 4.37 -1.79 1.93
C ALA A 18 3.49 -0.82 2.73
N GLN A 19 3.96 0.43 2.88
CA GLN A 19 3.23 1.49 3.58
C GLN A 19 1.99 1.95 2.80
N TYR A 20 2.01 1.86 1.46
CA TYR A 20 0.83 2.06 0.62
C TYR A 20 -0.31 1.14 1.09
N ALA A 21 -0.05 -0.17 1.21
CA ALA A 21 -1.05 -1.11 1.72
C ALA A 21 -1.52 -0.77 3.15
N ALA A 22 -0.67 -0.16 3.99
CA ALA A 22 -1.00 0.30 5.35
C ALA A 22 -1.87 1.56 5.34
N ASP A 23 -1.50 2.58 4.57
CA ASP A 23 -2.30 3.80 4.43
C ASP A 23 -3.70 3.45 3.93
N LEU A 24 -3.79 2.64 2.90
CA LEU A 24 -5.07 2.13 2.37
C LEU A 24 -5.82 1.33 3.44
N ARG A 25 -5.12 0.47 4.21
CA ARG A 25 -5.69 -0.28 5.35
C ARG A 25 -6.24 0.63 6.44
N HIS A 26 -5.60 1.75 6.69
CA HIS A 26 -6.04 2.74 7.67
C HIS A 26 -7.23 3.54 7.12
N TYR A 27 -7.10 4.08 5.91
CA TYR A 27 -8.16 4.78 5.19
C TYR A 27 -9.44 3.97 5.11
N ILE A 28 -9.38 2.68 4.75
CA ILE A 28 -10.56 1.83 4.73
C ILE A 28 -11.22 1.78 6.12
N ASN A 29 -10.44 1.55 7.16
CA ASN A 29 -10.89 1.52 8.56
C ASN A 29 -11.42 2.90 9.03
N LEU A 30 -10.98 3.97 8.38
CA LEU A 30 -11.51 5.32 8.58
C LEU A 30 -12.81 5.51 7.80
N ILE A 31 -12.81 5.42 6.48
CA ILE A 31 -13.97 5.56 5.62
C ILE A 31 -15.14 4.72 6.12
N THR A 32 -14.90 3.46 6.51
CA THR A 32 -15.90 2.58 7.13
C THR A 32 -16.60 3.22 8.34
N ARG A 33 -15.88 3.91 9.24
CA ARG A 33 -16.44 4.67 10.38
C ARG A 33 -17.01 6.06 10.02
N GLN A 34 -17.29 6.33 8.74
CA GLN A 34 -17.77 7.62 8.21
C GLN A 34 -18.47 7.50 6.84
N ARG A 35 -19.17 6.38 6.59
CA ARG A 35 -19.86 6.13 5.32
C ARG A 35 -21.23 5.47 5.55
N TYR A 36 -21.58 4.49 4.74
CA TYR A 36 -22.76 3.61 4.84
C TYR A 36 -23.10 3.21 6.29
N NH2 A 37 -22.12 2.96 7.14
HN1 NH2 A 37 -21.16 2.96 6.84
HN2 NH2 A 37 -22.40 2.77 8.09
N TYR A 1 20.81 18.31 -4.08
CA TYR A 1 22.24 17.97 -4.06
C TYR A 1 22.75 17.77 -5.49
N PRO A 2 24.02 18.05 -5.78
CA PRO A 2 24.65 17.76 -7.07
C PRO A 2 24.90 16.26 -7.25
N SER A 3 25.11 15.83 -8.50
CA SER A 3 25.25 14.44 -8.92
C SER A 3 24.09 13.57 -8.40
N LYS A 4 23.05 13.42 -9.23
CA LYS A 4 21.87 12.61 -8.92
C LYS A 4 21.82 11.41 -9.87
N PRO A 5 22.56 10.31 -9.56
CA PRO A 5 22.52 9.08 -10.32
C PRO A 5 21.21 8.34 -10.05
N ASP A 6 20.09 8.94 -10.46
CA ASP A 6 18.76 8.35 -10.39
C ASP A 6 18.74 7.02 -11.16
N ASN A 7 18.23 5.97 -10.52
CA ASN A 7 18.10 4.66 -11.11
C ASN A 7 16.91 3.89 -10.49
N PRO A 8 16.37 2.87 -11.19
CA PRO A 8 15.42 1.96 -10.59
C PRO A 8 16.11 0.97 -9.64
N GLY A 9 15.30 0.25 -8.87
CA GLY A 9 15.78 -0.75 -7.93
C GLY A 9 14.63 -1.55 -7.39
N GLU A 10 13.82 -0.92 -6.52
CA GLU A 10 12.68 -1.51 -5.79
C GLU A 10 13.12 -2.60 -4.81
N ASP A 11 13.89 -3.60 -5.26
CA ASP A 11 14.39 -4.77 -4.53
C ASP A 11 13.22 -5.72 -4.25
N ALA A 12 12.24 -5.26 -3.47
CA ALA A 12 11.03 -5.97 -3.07
C ALA A 12 9.91 -5.01 -2.62
N PRO A 13 8.65 -5.48 -2.48
CA PRO A 13 7.54 -4.68 -2.03
C PRO A 13 7.60 -4.39 -0.51
N ALA A 14 8.44 -3.41 -0.15
CA ALA A 14 8.60 -2.91 1.20
C ALA A 14 9.10 -1.46 1.15
N GLU A 15 9.02 -0.73 2.28
CA GLU A 15 9.40 0.69 2.43
C GLU A 15 8.63 1.70 1.57
N ASP A 16 7.80 1.19 0.66
CA ASP A 16 6.99 1.91 -0.33
C ASP A 16 5.60 1.27 -0.38
N LEU A 17 5.50 0.06 -0.93
CA LEU A 17 4.25 -0.70 -1.01
C LEU A 17 3.70 -0.98 0.38
N ALA A 18 4.51 -1.50 1.32
CA ALA A 18 4.03 -1.86 2.64
C ALA A 18 3.30 -0.69 3.31
N GLN A 19 3.88 0.51 3.18
CA GLN A 19 3.31 1.78 3.64
C GLN A 19 2.06 2.17 2.84
N TYR A 20 2.08 2.06 1.50
CA TYR A 20 0.95 2.29 0.62
C TYR A 20 -0.26 1.40 0.95
N ALA A 21 -0.03 0.08 1.00
CA ALA A 21 -1.03 -0.91 1.35
C ALA A 21 -1.59 -0.63 2.75
N ALA A 22 -0.75 -0.13 3.68
CA ALA A 22 -1.14 0.27 5.02
C ALA A 22 -1.99 1.55 5.02
N ASP A 23 -1.57 2.61 4.33
CA ASP A 23 -2.36 3.83 4.11
C ASP A 23 -3.73 3.47 3.59
N LEU A 24 -3.79 2.59 2.58
CA LEU A 24 -5.06 2.15 2.01
C LEU A 24 -5.87 1.32 3.02
N ARG A 25 -5.22 0.43 3.77
CA ARG A 25 -5.83 -0.32 4.89
C ARG A 25 -6.29 0.56 6.04
N HIS A 26 -5.64 1.70 6.26
CA HIS A 26 -5.96 2.68 7.28
C HIS A 26 -7.16 3.53 6.83
N TYR A 27 -7.09 4.10 5.62
CA TYR A 27 -8.16 4.87 5.00
C TYR A 27 -9.47 4.09 5.06
N ILE A 28 -9.47 2.81 4.67
CA ILE A 28 -10.67 1.97 4.73
C ILE A 28 -11.22 1.85 6.15
N ASN A 29 -10.35 1.58 7.13
CA ASN A 29 -10.70 1.48 8.55
C ASN A 29 -11.34 2.79 9.03
N LEU A 30 -10.73 3.93 8.68
CA LEU A 30 -11.23 5.27 8.95
C LEU A 30 -12.55 5.58 8.20
N ILE A 31 -12.69 5.13 6.96
CA ILE A 31 -13.93 5.23 6.20
C ILE A 31 -15.05 4.47 6.93
N THR A 32 -14.78 3.24 7.37
CA THR A 32 -15.75 2.49 8.17
C THR A 32 -16.14 3.17 9.48
N ARG A 33 -15.35 4.15 9.95
CA ARG A 33 -15.67 5.00 11.09
C ARG A 33 -16.77 6.04 10.80
N GLN A 34 -17.26 6.11 9.55
CA GLN A 34 -18.32 7.01 9.06
C GLN A 34 -19.18 6.36 7.97
N ARG A 35 -19.07 5.04 7.74
CA ARG A 35 -19.82 4.31 6.71
C ARG A 35 -19.75 2.80 6.93
N TYR A 36 -20.68 2.07 6.34
CA TYR A 36 -20.86 0.62 6.51
C TYR A 36 -22.00 0.14 5.60
N NH2 A 37 -23.07 0.91 5.44
HN1 NH2 A 37 -23.21 1.70 6.04
HN2 NH2 A 37 -23.76 0.59 4.79
#